data_3ZNF
# 
_entry.id   3ZNF 
# 
_audit_conform.dict_name       mmcif_pdbx.dic 
_audit_conform.dict_version    5.392 
_audit_conform.dict_location   http://mmcif.pdb.org/dictionaries/ascii/mmcif_pdbx.dic 
# 
loop_
_database_2.database_id 
_database_2.database_code 
_database_2.pdbx_database_accession 
_database_2.pdbx_DOI 
PDB   3ZNF         pdb_00003znf 10.2210/pdb3znf/pdb 
WWPDB D_1000179200 ?            ?                   
# 
loop_
_pdbx_audit_revision_history.ordinal 
_pdbx_audit_revision_history.data_content_type 
_pdbx_audit_revision_history.major_revision 
_pdbx_audit_revision_history.minor_revision 
_pdbx_audit_revision_history.revision_date 
1 'Structure model' 1 0 1992-01-15 
2 'Structure model' 1 1 2008-03-25 
3 'Structure model' 1 2 2011-07-13 
4 'Structure model' 1 3 2022-03-16 
5 'Structure model' 1 4 2024-05-22 
# 
_pdbx_audit_revision_details.ordinal             1 
_pdbx_audit_revision_details.revision_ordinal    1 
_pdbx_audit_revision_details.data_content_type   'Structure model' 
_pdbx_audit_revision_details.provider            repository 
_pdbx_audit_revision_details.type                'Initial release' 
_pdbx_audit_revision_details.description         ? 
_pdbx_audit_revision_details.details             ? 
# 
loop_
_pdbx_audit_revision_group.ordinal 
_pdbx_audit_revision_group.revision_ordinal 
_pdbx_audit_revision_group.data_content_type 
_pdbx_audit_revision_group.group 
1 2 'Structure model' 'Version format compliance' 
2 3 'Structure model' 'Version format compliance' 
3 4 'Structure model' 'Database references'       
4 4 'Structure model' 'Derived calculations'      
5 4 'Structure model' Other                       
6 5 'Structure model' 'Data collection'           
# 
loop_
_pdbx_audit_revision_category.ordinal 
_pdbx_audit_revision_category.revision_ordinal 
_pdbx_audit_revision_category.data_content_type 
_pdbx_audit_revision_category.category 
1  4 'Structure model' database_2             
2  4 'Structure model' pdbx_database_status   
3  4 'Structure model' pdbx_struct_assembly   
4  4 'Structure model' pdbx_struct_conn_angle 
5  4 'Structure model' pdbx_struct_oper_list  
6  4 'Structure model' struct_conn            
7  4 'Structure model' struct_ref_seq_dif     
8  4 'Structure model' struct_site            
9  5 'Structure model' chem_comp_atom         
10 5 'Structure model' chem_comp_bond         
# 
loop_
_pdbx_audit_revision_item.ordinal 
_pdbx_audit_revision_item.revision_ordinal 
_pdbx_audit_revision_item.data_content_type 
_pdbx_audit_revision_item.item 
1  4 'Structure model' '_database_2.pdbx_DOI'                        
2  4 'Structure model' '_database_2.pdbx_database_accession'         
3  4 'Structure model' '_pdbx_database_status.process_site'          
4  4 'Structure model' '_pdbx_struct_conn_angle.ptnr1_auth_comp_id'  
5  4 'Structure model' '_pdbx_struct_conn_angle.ptnr1_auth_seq_id'   
6  4 'Structure model' '_pdbx_struct_conn_angle.ptnr1_label_atom_id' 
7  4 'Structure model' '_pdbx_struct_conn_angle.ptnr1_label_comp_id' 
8  4 'Structure model' '_pdbx_struct_conn_angle.ptnr1_label_seq_id'  
9  4 'Structure model' '_pdbx_struct_conn_angle.ptnr3_auth_comp_id'  
10 4 'Structure model' '_pdbx_struct_conn_angle.ptnr3_auth_seq_id'   
11 4 'Structure model' '_pdbx_struct_conn_angle.ptnr3_label_atom_id' 
12 4 'Structure model' '_pdbx_struct_conn_angle.ptnr3_label_comp_id' 
13 4 'Structure model' '_pdbx_struct_conn_angle.ptnr3_label_seq_id'  
14 4 'Structure model' '_pdbx_struct_conn_angle.value'               
15 4 'Structure model' '_struct_conn.pdbx_dist_value'                
16 4 'Structure model' '_struct_conn.ptnr1_auth_comp_id'             
17 4 'Structure model' '_struct_conn.ptnr1_auth_seq_id'              
18 4 'Structure model' '_struct_conn.ptnr1_label_asym_id'            
19 4 'Structure model' '_struct_conn.ptnr1_label_atom_id'            
20 4 'Structure model' '_struct_conn.ptnr1_label_comp_id'            
21 4 'Structure model' '_struct_conn.ptnr1_label_seq_id'             
22 4 'Structure model' '_struct_conn.ptnr2_auth_comp_id'             
23 4 'Structure model' '_struct_conn.ptnr2_auth_seq_id'              
24 4 'Structure model' '_struct_conn.ptnr2_label_asym_id'            
25 4 'Structure model' '_struct_conn.ptnr2_label_atom_id'            
26 4 'Structure model' '_struct_conn.ptnr2_label_comp_id'            
27 4 'Structure model' '_struct_conn.ptnr2_label_seq_id'             
28 4 'Structure model' '_struct_ref_seq_dif.details'                 
29 4 'Structure model' '_struct_site.pdbx_auth_asym_id'              
30 4 'Structure model' '_struct_site.pdbx_auth_comp_id'              
31 4 'Structure model' '_struct_site.pdbx_auth_seq_id'               
# 
_pdbx_database_status.status_code                     REL 
_pdbx_database_status.entry_id                        3ZNF 
_pdbx_database_status.recvd_initial_deposition_date   1990-07-09 
_pdbx_database_status.deposit_site                    ? 
_pdbx_database_status.process_site                    BNL 
_pdbx_database_status.status_code_sf                  ? 
_pdbx_database_status.status_code_mr                  REL 
_pdbx_database_status.SG_entry                        ? 
_pdbx_database_status.pdb_format_compatible           Y 
_pdbx_database_status.status_code_cs                  ? 
_pdbx_database_status.status_code_nmr_data            ? 
_pdbx_database_status.methods_development_category    ? 
# 
_pdbx_database_related.db_name        PDB 
_pdbx_database_related.db_id          4ZNF 
_pdbx_database_related.details        . 
_pdbx_database_related.content_type   ensemble 
# 
loop_
_audit_author.name 
_audit_author.pdbx_ordinal 
'Gronenborn, A.M.' 1 
'Clore, G.M.'      2 
'Omichinski, J.G.' 3 
# 
_citation.id                        primary 
_citation.title                     
'High-resolution three-dimensional structure of a single zinc finger from a human enhancer binding protein in solution.' 
_citation.journal_abbrev            Biochemistry 
_citation.journal_volume            29 
_citation.page_first                9324 
_citation.page_last                 9334 
_citation.year                      1990 
_citation.journal_id_ASTM           BICHAW 
_citation.country                   US 
_citation.journal_id_ISSN           0006-2960 
_citation.journal_id_CSD            0033 
_citation.book_publisher            ? 
_citation.pdbx_database_id_PubMed   2248949 
_citation.pdbx_database_id_DOI      10.1021/bi00492a004 
# 
loop_
_citation_author.citation_id 
_citation_author.name 
_citation_author.ordinal 
_citation_author.identifier_ORCID 
primary 'Omichinski, J.G.' 1 ? 
primary 'Clore, G.M.'      2 ? 
primary 'Appella, E.'      3 ? 
primary 'Sakaguchi, K.'    4 ? 
primary 'Gronenborn, A.M.' 5 ? 
# 
loop_
_entity.id 
_entity.type 
_entity.src_method 
_entity.pdbx_description 
_entity.formula_weight 
_entity.pdbx_number_of_molecules 
_entity.pdbx_ec 
_entity.pdbx_mutation 
_entity.pdbx_fragment 
_entity.details 
1 polymer     man 'ZINC FINGER' 3569.212 1 ? ? ? ? 
2 non-polymer syn 'ZINC ION'    65.409   1 ? ? ? ? 
# 
_entity_poly.entity_id                      1 
_entity_poly.type                           'polypeptide(L)' 
_entity_poly.nstd_linkage                   no 
_entity_poly.nstd_monomer                   no 
_entity_poly.pdbx_seq_one_letter_code       RPYHCSYCNFSFKTKGNLTKHMKSKAHSKK 
_entity_poly.pdbx_seq_one_letter_code_can   RPYHCSYCNFSFKTKGNLTKHMKSKAHSKK 
_entity_poly.pdbx_strand_id                 A 
_entity_poly.pdbx_target_identifier         ? 
# 
_pdbx_entity_nonpoly.entity_id   2 
_pdbx_entity_nonpoly.name        'ZINC ION' 
_pdbx_entity_nonpoly.comp_id     ZN 
# 
loop_
_entity_poly_seq.entity_id 
_entity_poly_seq.num 
_entity_poly_seq.mon_id 
_entity_poly_seq.hetero 
1 1  ARG n 
1 2  PRO n 
1 3  TYR n 
1 4  HIS n 
1 5  CYS n 
1 6  SER n 
1 7  TYR n 
1 8  CYS n 
1 9  ASN n 
1 10 PHE n 
1 11 SER n 
1 12 PHE n 
1 13 LYS n 
1 14 THR n 
1 15 LYS n 
1 16 GLY n 
1 17 ASN n 
1 18 LEU n 
1 19 THR n 
1 20 LYS n 
1 21 HIS n 
1 22 MET n 
1 23 LYS n 
1 24 SER n 
1 25 LYS n 
1 26 ALA n 
1 27 HIS n 
1 28 SER n 
1 29 LYS n 
1 30 LYS n 
# 
_entity_src_gen.entity_id                          1 
_entity_src_gen.pdbx_src_id                        1 
_entity_src_gen.pdbx_alt_source_flag               sample 
_entity_src_gen.pdbx_seq_type                      ? 
_entity_src_gen.pdbx_beg_seq_num                   ? 
_entity_src_gen.pdbx_end_seq_num                   ? 
_entity_src_gen.gene_src_common_name               human 
_entity_src_gen.gene_src_genus                     Homo 
_entity_src_gen.pdbx_gene_src_gene                 ? 
_entity_src_gen.gene_src_species                   ? 
_entity_src_gen.gene_src_strain                    ? 
_entity_src_gen.gene_src_tissue                    ? 
_entity_src_gen.gene_src_tissue_fraction           ? 
_entity_src_gen.gene_src_details                   ? 
_entity_src_gen.pdbx_gene_src_fragment             ? 
_entity_src_gen.pdbx_gene_src_scientific_name      'Homo sapiens' 
_entity_src_gen.pdbx_gene_src_ncbi_taxonomy_id     9606 
_entity_src_gen.pdbx_gene_src_variant              ? 
_entity_src_gen.pdbx_gene_src_cell_line            ? 
_entity_src_gen.pdbx_gene_src_atcc                 ? 
_entity_src_gen.pdbx_gene_src_organ                ? 
_entity_src_gen.pdbx_gene_src_organelle            ? 
_entity_src_gen.pdbx_gene_src_cell                 ? 
_entity_src_gen.pdbx_gene_src_cellular_location    ? 
_entity_src_gen.host_org_common_name               ? 
_entity_src_gen.pdbx_host_org_scientific_name      ? 
_entity_src_gen.pdbx_host_org_ncbi_taxonomy_id     ? 
_entity_src_gen.host_org_genus                     ? 
_entity_src_gen.pdbx_host_org_gene                 ? 
_entity_src_gen.pdbx_host_org_organ                ? 
_entity_src_gen.host_org_species                   ? 
_entity_src_gen.pdbx_host_org_tissue               ? 
_entity_src_gen.pdbx_host_org_tissue_fraction      ? 
_entity_src_gen.pdbx_host_org_strain               ? 
_entity_src_gen.pdbx_host_org_variant              ? 
_entity_src_gen.pdbx_host_org_cell_line            ? 
_entity_src_gen.pdbx_host_org_atcc                 ? 
_entity_src_gen.pdbx_host_org_culture_collection   ? 
_entity_src_gen.pdbx_host_org_cell                 ? 
_entity_src_gen.pdbx_host_org_organelle            ? 
_entity_src_gen.pdbx_host_org_cellular_location    ? 
_entity_src_gen.pdbx_host_org_vector_type          ? 
_entity_src_gen.pdbx_host_org_vector               ? 
_entity_src_gen.host_org_details                   ? 
_entity_src_gen.expression_system_id               ? 
_entity_src_gen.plasmid_name                       ? 
_entity_src_gen.plasmid_details                    ? 
_entity_src_gen.pdbx_description                   ? 
# 
loop_
_chem_comp.id 
_chem_comp.type 
_chem_comp.mon_nstd_flag 
_chem_comp.name 
_chem_comp.pdbx_synonyms 
_chem_comp.formula 
_chem_comp.formula_weight 
ALA 'L-peptide linking' y ALANINE       ? 'C3 H7 N O2'     89.093  
ARG 'L-peptide linking' y ARGININE      ? 'C6 H15 N4 O2 1' 175.209 
ASN 'L-peptide linking' y ASPARAGINE    ? 'C4 H8 N2 O3'    132.118 
CYS 'L-peptide linking' y CYSTEINE      ? 'C3 H7 N O2 S'   121.158 
GLY 'peptide linking'   y GLYCINE       ? 'C2 H5 N O2'     75.067  
HIS 'L-peptide linking' y HISTIDINE     ? 'C6 H10 N3 O2 1' 156.162 
LEU 'L-peptide linking' y LEUCINE       ? 'C6 H13 N O2'    131.173 
LYS 'L-peptide linking' y LYSINE        ? 'C6 H15 N2 O2 1' 147.195 
MET 'L-peptide linking' y METHIONINE    ? 'C5 H11 N O2 S'  149.211 
PHE 'L-peptide linking' y PHENYLALANINE ? 'C9 H11 N O2'    165.189 
PRO 'L-peptide linking' y PROLINE       ? 'C5 H9 N O2'     115.130 
SER 'L-peptide linking' y SERINE        ? 'C3 H7 N O3'     105.093 
THR 'L-peptide linking' y THREONINE     ? 'C4 H9 N O3'     119.119 
TYR 'L-peptide linking' y TYROSINE      ? 'C9 H11 N O3'    181.189 
ZN  non-polymer         . 'ZINC ION'    ? 'Zn 2'           65.409  
# 
loop_
_pdbx_poly_seq_scheme.asym_id 
_pdbx_poly_seq_scheme.entity_id 
_pdbx_poly_seq_scheme.seq_id 
_pdbx_poly_seq_scheme.mon_id 
_pdbx_poly_seq_scheme.ndb_seq_num 
_pdbx_poly_seq_scheme.pdb_seq_num 
_pdbx_poly_seq_scheme.auth_seq_num 
_pdbx_poly_seq_scheme.pdb_mon_id 
_pdbx_poly_seq_scheme.auth_mon_id 
_pdbx_poly_seq_scheme.pdb_strand_id 
_pdbx_poly_seq_scheme.pdb_ins_code 
_pdbx_poly_seq_scheme.hetero 
A 1 1  ARG 1  1  1  ARG ARG A . n 
A 1 2  PRO 2  2  2  PRO PRO A . n 
A 1 3  TYR 3  3  3  TYR TYR A . n 
A 1 4  HIS 4  4  4  HIS HIS A . n 
A 1 5  CYS 5  5  5  CYS CYS A . n 
A 1 6  SER 6  6  6  SER SER A . n 
A 1 7  TYR 7  7  7  TYR TYR A . n 
A 1 8  CYS 8  8  8  CYS CYS A . n 
A 1 9  ASN 9  9  9  ASN ASN A . n 
A 1 10 PHE 10 10 10 PHE PHE A . n 
A 1 11 SER 11 11 11 SER SER A . n 
A 1 12 PHE 12 12 12 PHE PHE A . n 
A 1 13 LYS 13 13 13 LYS LYS A . n 
A 1 14 THR 14 14 14 THR THR A . n 
A 1 15 LYS 15 15 15 LYS LYS A . n 
A 1 16 GLY 16 16 16 GLY GLY A . n 
A 1 17 ASN 17 17 17 ASN ASN A . n 
A 1 18 LEU 18 18 18 LEU LEU A . n 
A 1 19 THR 19 19 19 THR THR A . n 
A 1 20 LYS 20 20 20 LYS LYS A . n 
A 1 21 HIS 21 21 21 HIS HIS A . n 
A 1 22 MET 22 22 22 MET MET A . n 
A 1 23 LYS 23 23 23 LYS LYS A . n 
A 1 24 SER 24 24 24 SER SER A . n 
A 1 25 LYS 25 25 25 LYS LYS A . n 
A 1 26 ALA 26 26 26 ALA ALA A . n 
A 1 27 HIS 27 27 27 HIS HIS A . n 
A 1 28 SER 28 28 28 SER SER A . n 
A 1 29 LYS 29 29 29 LYS LYS A . n 
A 1 30 LYS 30 30 30 LYS LYS A . n 
# 
_pdbx_nonpoly_scheme.asym_id         B 
_pdbx_nonpoly_scheme.entity_id       2 
_pdbx_nonpoly_scheme.mon_id          ZN 
_pdbx_nonpoly_scheme.ndb_seq_num     1 
_pdbx_nonpoly_scheme.pdb_seq_num     31 
_pdbx_nonpoly_scheme.auth_seq_num    31 
_pdbx_nonpoly_scheme.pdb_mon_id      ZN 
_pdbx_nonpoly_scheme.auth_mon_id     ZN 
_pdbx_nonpoly_scheme.pdb_strand_id   A 
_pdbx_nonpoly_scheme.pdb_ins_code    . 
# 
_cell.entry_id           3ZNF 
_cell.length_a           1.000 
_cell.length_b           1.000 
_cell.length_c           1.000 
_cell.angle_alpha        90.00 
_cell.angle_beta         90.00 
_cell.angle_gamma        90.00 
_cell.Z_PDB              1 
_cell.pdbx_unique_axis   ? 
# 
_symmetry.entry_id                         3ZNF 
_symmetry.space_group_name_H-M             'P 1' 
_symmetry.pdbx_full_space_group_name_H-M   ? 
_symmetry.cell_setting                     ? 
_symmetry.Int_Tables_number                1 
# 
_exptl.entry_id          3ZNF 
_exptl.method            'SOLUTION NMR' 
_exptl.crystals_number   ? 
# 
_struct.entry_id                  3ZNF 
_struct.title                     
'HIGH-RESOLUTION THREE-DIMENSIONAL STRUCTURE OF A SINGLE ZINC FINGER FROM A HUMAN ENHANCER BINDING PROTEIN IN SOLUTION' 
_struct.pdbx_model_details        ? 
_struct.pdbx_CASP_flag            ? 
_struct.pdbx_model_type_details   ? 
# 
_struct_keywords.entry_id        3ZNF 
_struct_keywords.pdbx_keywords   'ZINC FINGER DNA BINDING DOMAIN' 
_struct_keywords.text            'ZINC FINGER DNA BINDING DOMAIN' 
# 
loop_
_struct_asym.id 
_struct_asym.pdbx_blank_PDB_chainid_flag 
_struct_asym.pdbx_modified 
_struct_asym.entity_id 
_struct_asym.details 
A Y N 1 ? 
B N N 2 ? 
# 
_struct_ref.id                         1 
_struct_ref.db_name                    UNP 
_struct_ref.db_code                    ZEP1_HUMAN 
_struct_ref.entity_id                  1 
_struct_ref.pdbx_db_accession          P15822 
_struct_ref.pdbx_align_begin           1 
_struct_ref.pdbx_seq_one_letter_code   
;MPRTKQIHPRNLRDKIEEAQKELNGAEVSKKEILQAGVKGTSESLKGVKRKKIVAENHLKKIPKSPLRNPLQAKHKQNTE
ESSFAVLHSASESHKKQNYIPVKNGKQFTKQNGETPGIIAEASKSEESVSPKKPLFLQQPSELRRWRSEGADPAKFSDLD
EQCDSSSLSSKTRTDNSECISSHCGTTSPSYTNTAFDVLLKAMEPELSTLSQKGSPCAIKTEKLRPNKTARSPPKLKNSS
MDAPNQTSQELVAESQSSCTSYTVHMSAAQKNEQGAMQSASHLYHQHEHFVPKSNQHNQQLPGCSGFTGSLTNLQNQENA
KLEQVYNIAVTSSVGLTSPSSRSQVTPQNQQMDSASPLSISPANSTQSPPMPIYNSTHVASVVNQSVEQMCNLLLKDQKP
KKQGKYICEYCNRACAKPSVLLKHIRSHTGERPYPCVTCGFSFKTKSNLYKHKKSHAHTIKLGLVLQPDAGGLFLSHESP
KALSIHSDVEDSGESEEEGATDERQHDLGAMELQNVHIIKRMSNAETLLKSSFTPSSPENVIGDFLLQDRSAESQAVTEL
PKVVVHHVTVSPLRTDSPKAMDPKPELSSAQKQKDLQVTNVQPLSANMSQGGVSRLETNENSHQKGDMNPLEGKQDSHVG
TVHAQLQRQQATDYSQEQQGKLLSPRSLGSTDSGYFSRSESADQTVSPPTPFARRFPAQNKTLEGVTDPLQLLSPRQHPL
LCHREKALLLPGQMRPPLATKTLEERISKLISDNEALVDDKQLDSVKPRRTSLSRRGSIDSPKSYIFKDSFQFDLKPVGR
RTSSSSDIPKSPFTPTEKSKQVFLLSVPSLDCLPITRSNSMPTTGYSAVPANIIPPPHPLRGSQSFDDKIGAFYDDVFVS
GPNAPVPQSGHPRTLVRQAAIEDSSANESHVLGTGQSLDESHQGCHAAGEAMSVRSKALAQGPHIEKKKSHQGRGTMFEC
ETCRNRYRKLENFENHKKFYCSELHGPKTKVAMREPEHSPVPGGLQPQILHYRVAGSSGIWEQTPQIRKRRKMKSVGDDE
ELQQNESGTSPKSSEGLQFQNALGCNPSLPKHSVTIRSDQQHKNIQLQNSHIHLVARGPEQTMDPKLSTIMEQQISSAAQ
DKIELQRHGTGISVIQHTNSLSRPNSFDKPEPFERASPVSFQELNRTGNSGSLKVIGISQEESHPSRDGSHPHQLALSDA
LRGELQESSRKSPSERHVLGQPSRLIRQHNIQVPEILVTEEPDRDLEAQCHDQEKSEKFSWPQRSETLSKLPTEKLPPKK
KRLRLAEIEHSSTESSFDSTLSRSLSRESSLSHTSSFSASLDIEDVSKTEASPKIDFLNKAEFLMIPAGLNTLNVPGCHR
EMRRTASEQINCTQTSMEVSDLRSKSFDCGSITPPQTTPLTELQPPSSPSRVGVTGHVPLLERRRGPLVRQISLGIAPDS
HLSPVHPTSFQNTALPSVNAVPYQGPQLTSTSLAEFSANTLHSQTQVKDLQAETSNSSSTNVFPVQQLCDINLLNQIHAP
PSHQSTQLSLQVSTQGSKPDKNSVLSGSSKSEDCFAPKYQLHCQVFTSGPSCSSNPVHSLPNQVISDPVGTDHCVTSATL
PTKLIDSMSNSHPLLPPELRPLGSQVQKVPSSFMLPIRLQSSVPAYCFATLTSLPQILVTQDLPNQPICQTNHSVVPISE
EQNSVPTLQKGHQNALPNPEKEFLCENVFSEMSQNSSLSESLPITQKISVGRLSPQQESSASSKRMLSPANSLDIAMEKH
QKRAKDENGAVCATDVRPLEALSSRVNEASKQKKPILVRQVCTTEPLDGVMLEKDVFSQPEISNEAVNLTNVLPADNSST
GCSKFVVIEPISELQEFENIKSSTSLTLTVRSSPAPSENTHLSPLKCTDNNQERKSPGVKNQGDKVNIQEQSQRPVTSLS
LFNIKDTQQLAFPSLKTTTNFTWCYLLRQKSLHLPQKDQKTSAYTDWTVSASNPNPLGLPTKVALALLNSKQNTGKSLYC
QAITTHSKSDLLVYSSKWKSSLSKRALGNQKSTVVEFSNKDASEINSEQDKENSLIKSEPRRIKIFDGGYKSNEEYVYIR
GRGRGKYICEECGIRCKKPSMLKKHIRTHTDVRPYHCTYCNFSFKTKGNLTKHMKSKAHSKKCVDLGISVGLIDEQDTEE
SDEKQRFSYERSGYDLEESDGPDEDDNENEDDDEDSQAESVLSATPSVTASPQHLPSRSSLQDPVSTDEDVRITDCFSGV
HTDPMDVLPRALLTRMTVLSTAQSDYNRKTLSPGKARQRAARDENDTIPSVDTSRSPCHQMSVDYPESEEILRSSMAGKA
VAITQSPSSVRLPPAAAEHSPQTAAGMPSVASPHPDPQEQKQQITLQPTPGLPSPHTHLFSHLPLHSQQQSRTPYNMVPV
GGIHVVPAGLTYSTFVPLQAGPVQLTIPAVSVVHRTLGTHRNTVTEVSGTTNPAGVAELSSVVPCIPIGQIRVPGLQNLS
TPGLQSLPSLSMETVNIVGLANTNMAPQVHPPGLALNAVGLQVLTANPSSQSSPAPQAHIPGLQILNIALPTLIPSVSQV
AVDAQGAPEMPASQSKACETQPKQTSVASANQVSRTESPQGLPTVQRENAKKVLNPPAPAGDHARLDGLSKMDTEKAASA
NHVKPKPELTSIQGQPASTSQPLLKAHSEVFTKPSGQQTLSPDRQVPRPTGLPRRQPTVHFSDVSSDDDEDRLVIAT
;
_struct_ref.pdbx_db_isoform            ? 
# 
_struct_ref_seq.align_id                      1 
_struct_ref_seq.ref_id                        1 
_struct_ref_seq.pdbx_PDB_id_code              3ZNF 
_struct_ref_seq.pdbx_strand_id                A 
_struct_ref_seq.seq_align_beg                 1 
_struct_ref_seq.pdbx_seq_align_beg_ins_code   ? 
_struct_ref_seq.seq_align_end                 30 
_struct_ref_seq.pdbx_seq_align_end_ins_code   ? 
_struct_ref_seq.pdbx_db_accession             P15822 
_struct_ref_seq.db_align_beg                  2113 
_struct_ref_seq.pdbx_db_align_beg_ins_code    ? 
_struct_ref_seq.db_align_end                  2142 
_struct_ref_seq.pdbx_db_align_end_ins_code    ? 
_struct_ref_seq.pdbx_auth_seq_align_beg       1 
_struct_ref_seq.pdbx_auth_seq_align_end       30 
# 
_struct_ref_seq_dif.align_id                     1 
_struct_ref_seq_dif.pdbx_pdb_id_code             3ZNF 
_struct_ref_seq_dif.mon_id                       SER 
_struct_ref_seq_dif.pdbx_pdb_strand_id           A 
_struct_ref_seq_dif.seq_num                      6 
_struct_ref_seq_dif.pdbx_pdb_ins_code            ? 
_struct_ref_seq_dif.pdbx_seq_db_name             UNP 
_struct_ref_seq_dif.pdbx_seq_db_accession_code   P15822 
_struct_ref_seq_dif.db_mon_id                    THR 
_struct_ref_seq_dif.pdbx_seq_db_seq_num          2118 
_struct_ref_seq_dif.details                      conflict 
_struct_ref_seq_dif.pdbx_auth_seq_num            6 
_struct_ref_seq_dif.pdbx_ordinal                 1 
# 
_pdbx_struct_assembly.id                   1 
_pdbx_struct_assembly.details              author_defined_assembly 
_pdbx_struct_assembly.method_details       ? 
_pdbx_struct_assembly.oligomeric_details   monomeric 
_pdbx_struct_assembly.oligomeric_count     1 
# 
_pdbx_struct_assembly_gen.assembly_id       1 
_pdbx_struct_assembly_gen.oper_expression   1 
_pdbx_struct_assembly_gen.asym_id_list      A,B 
# 
_pdbx_struct_oper_list.id                   1 
_pdbx_struct_oper_list.type                 'identity operation' 
_pdbx_struct_oper_list.name                 1_555 
_pdbx_struct_oper_list.symmetry_operation   x,y,z 
_pdbx_struct_oper_list.matrix[1][1]         1.0000000000 
_pdbx_struct_oper_list.matrix[1][2]         0.0000000000 
_pdbx_struct_oper_list.matrix[1][3]         0.0000000000 
_pdbx_struct_oper_list.vector[1]            0.0000000000 
_pdbx_struct_oper_list.matrix[2][1]         0.0000000000 
_pdbx_struct_oper_list.matrix[2][2]         1.0000000000 
_pdbx_struct_oper_list.matrix[2][3]         0.0000000000 
_pdbx_struct_oper_list.vector[2]            0.0000000000 
_pdbx_struct_oper_list.matrix[3][1]         0.0000000000 
_pdbx_struct_oper_list.matrix[3][2]         0.0000000000 
_pdbx_struct_oper_list.matrix[3][3]         1.0000000000 
_pdbx_struct_oper_list.vector[3]            0.0000000000 
# 
_struct_biol.id   1 
# 
_struct_conf.conf_type_id            HELX_P 
_struct_conf.id                      HELX_P1 
_struct_conf.pdbx_PDB_helix_id       1 
_struct_conf.beg_label_comp_id       THR 
_struct_conf.beg_label_asym_id       A 
_struct_conf.beg_label_seq_id        14 
_struct_conf.pdbx_beg_PDB_ins_code   ? 
_struct_conf.end_label_comp_id       SER 
_struct_conf.end_label_asym_id       A 
_struct_conf.end_label_seq_id        24 
_struct_conf.pdbx_end_PDB_ins_code   ? 
_struct_conf.beg_auth_comp_id        THR 
_struct_conf.beg_auth_asym_id        A 
_struct_conf.beg_auth_seq_id         14 
_struct_conf.end_auth_comp_id        SER 
_struct_conf.end_auth_asym_id        A 
_struct_conf.end_auth_seq_id         24 
_struct_conf.pdbx_PDB_helix_class    1 
_struct_conf.details                 ? 
_struct_conf.pdbx_PDB_helix_length   11 
# 
_struct_conf_type.id          HELX_P 
_struct_conf_type.criteria    ? 
_struct_conf_type.reference   ? 
# 
loop_
_struct_conn.id 
_struct_conn.conn_type_id 
_struct_conn.pdbx_leaving_atom_flag 
_struct_conn.pdbx_PDB_id 
_struct_conn.ptnr1_label_asym_id 
_struct_conn.ptnr1_label_comp_id 
_struct_conn.ptnr1_label_seq_id 
_struct_conn.ptnr1_label_atom_id 
_struct_conn.pdbx_ptnr1_label_alt_id 
_struct_conn.pdbx_ptnr1_PDB_ins_code 
_struct_conn.pdbx_ptnr1_standard_comp_id 
_struct_conn.ptnr1_symmetry 
_struct_conn.ptnr2_label_asym_id 
_struct_conn.ptnr2_label_comp_id 
_struct_conn.ptnr2_label_seq_id 
_struct_conn.ptnr2_label_atom_id 
_struct_conn.pdbx_ptnr2_label_alt_id 
_struct_conn.pdbx_ptnr2_PDB_ins_code 
_struct_conn.ptnr1_auth_asym_id 
_struct_conn.ptnr1_auth_comp_id 
_struct_conn.ptnr1_auth_seq_id 
_struct_conn.ptnr2_auth_asym_id 
_struct_conn.ptnr2_auth_comp_id 
_struct_conn.ptnr2_auth_seq_id 
_struct_conn.ptnr2_symmetry 
_struct_conn.pdbx_ptnr3_label_atom_id 
_struct_conn.pdbx_ptnr3_label_seq_id 
_struct_conn.pdbx_ptnr3_label_comp_id 
_struct_conn.pdbx_ptnr3_label_asym_id 
_struct_conn.pdbx_ptnr3_label_alt_id 
_struct_conn.pdbx_ptnr3_PDB_ins_code 
_struct_conn.details 
_struct_conn.pdbx_dist_value 
_struct_conn.pdbx_value_order 
_struct_conn.pdbx_role 
metalc1 metalc ? ? A CYS 5  SG  ? ? ? 1_555 B ZN . ZN ? ? A CYS 5  A ZN 31 1_555 ? ? ? ? ? ? ? 2.295 ? ? 
metalc2 metalc ? ? A CYS 8  SG  ? ? ? 1_555 B ZN . ZN ? ? A CYS 8  A ZN 31 1_555 ? ? ? ? ? ? ? 2.303 ? ? 
metalc3 metalc ? ? A HIS 21 NE2 ? ? ? 1_555 B ZN . ZN ? ? A HIS 21 A ZN 31 1_555 ? ? ? ? ? ? ? 2.003 ? ? 
metalc4 metalc ? ? A HIS 27 NE2 ? ? ? 1_555 B ZN . ZN ? ? A HIS 27 A ZN 31 1_555 ? ? ? ? ? ? ? 2.016 ? ? 
# 
_struct_conn_type.id          metalc 
_struct_conn_type.criteria    ? 
_struct_conn_type.reference   ? 
# 
loop_
_pdbx_struct_conn_angle.id 
_pdbx_struct_conn_angle.ptnr1_label_atom_id 
_pdbx_struct_conn_angle.ptnr1_label_alt_id 
_pdbx_struct_conn_angle.ptnr1_label_asym_id 
_pdbx_struct_conn_angle.ptnr1_label_comp_id 
_pdbx_struct_conn_angle.ptnr1_label_seq_id 
_pdbx_struct_conn_angle.ptnr1_auth_atom_id 
_pdbx_struct_conn_angle.ptnr1_auth_asym_id 
_pdbx_struct_conn_angle.ptnr1_auth_comp_id 
_pdbx_struct_conn_angle.ptnr1_auth_seq_id 
_pdbx_struct_conn_angle.ptnr1_PDB_ins_code 
_pdbx_struct_conn_angle.ptnr1_symmetry 
_pdbx_struct_conn_angle.ptnr2_label_atom_id 
_pdbx_struct_conn_angle.ptnr2_label_alt_id 
_pdbx_struct_conn_angle.ptnr2_label_asym_id 
_pdbx_struct_conn_angle.ptnr2_label_comp_id 
_pdbx_struct_conn_angle.ptnr2_label_seq_id 
_pdbx_struct_conn_angle.ptnr2_auth_atom_id 
_pdbx_struct_conn_angle.ptnr2_auth_asym_id 
_pdbx_struct_conn_angle.ptnr2_auth_comp_id 
_pdbx_struct_conn_angle.ptnr2_auth_seq_id 
_pdbx_struct_conn_angle.ptnr2_PDB_ins_code 
_pdbx_struct_conn_angle.ptnr2_symmetry 
_pdbx_struct_conn_angle.ptnr3_label_atom_id 
_pdbx_struct_conn_angle.ptnr3_label_alt_id 
_pdbx_struct_conn_angle.ptnr3_label_asym_id 
_pdbx_struct_conn_angle.ptnr3_label_comp_id 
_pdbx_struct_conn_angle.ptnr3_label_seq_id 
_pdbx_struct_conn_angle.ptnr3_auth_atom_id 
_pdbx_struct_conn_angle.ptnr3_auth_asym_id 
_pdbx_struct_conn_angle.ptnr3_auth_comp_id 
_pdbx_struct_conn_angle.ptnr3_auth_seq_id 
_pdbx_struct_conn_angle.ptnr3_PDB_ins_code 
_pdbx_struct_conn_angle.ptnr3_symmetry 
_pdbx_struct_conn_angle.value 
_pdbx_struct_conn_angle.value_esd 
1 SG  ? A CYS 5  ? A CYS 5  ? 1_555 ZN ? B ZN . ? A ZN 31 ? 1_555 SG  ? A CYS 8  ? A CYS 8  ? 1_555 111.8 ? 
2 SG  ? A CYS 5  ? A CYS 5  ? 1_555 ZN ? B ZN . ? A ZN 31 ? 1_555 NE2 ? A HIS 21 ? A HIS 21 ? 1_555 110.8 ? 
3 SG  ? A CYS 8  ? A CYS 8  ? 1_555 ZN ? B ZN . ? A ZN 31 ? 1_555 NE2 ? A HIS 21 ? A HIS 21 ? 1_555 110.5 ? 
4 SG  ? A CYS 5  ? A CYS 5  ? 1_555 ZN ? B ZN . ? A ZN 31 ? 1_555 NE2 ? A HIS 27 ? A HIS 27 ? 1_555 111.3 ? 
5 SG  ? A CYS 8  ? A CYS 8  ? 1_555 ZN ? B ZN . ? A ZN 31 ? 1_555 NE2 ? A HIS 27 ? A HIS 27 ? 1_555 98.4  ? 
6 NE2 ? A HIS 21 ? A HIS 21 ? 1_555 ZN ? B ZN . ? A ZN 31 ? 1_555 NE2 ? A HIS 27 ? A HIS 27 ? 1_555 113.5 ? 
# 
_struct_site.id                   AC1 
_struct_site.pdbx_evidence_code   Software 
_struct_site.pdbx_auth_asym_id    A 
_struct_site.pdbx_auth_comp_id    ZN 
_struct_site.pdbx_auth_seq_id     31 
_struct_site.pdbx_auth_ins_code   ? 
_struct_site.pdbx_num_residues    4 
_struct_site.details              'BINDING SITE FOR RESIDUE ZN A 31' 
# 
loop_
_struct_site_gen.id 
_struct_site_gen.site_id 
_struct_site_gen.pdbx_num_res 
_struct_site_gen.label_comp_id 
_struct_site_gen.label_asym_id 
_struct_site_gen.label_seq_id 
_struct_site_gen.pdbx_auth_ins_code 
_struct_site_gen.auth_comp_id 
_struct_site_gen.auth_asym_id 
_struct_site_gen.auth_seq_id 
_struct_site_gen.label_atom_id 
_struct_site_gen.label_alt_id 
_struct_site_gen.symmetry 
_struct_site_gen.details 
1 AC1 4 CYS A 5  ? CYS A 5  . ? 1_555 ? 
2 AC1 4 CYS A 8  ? CYS A 8  . ? 1_555 ? 
3 AC1 4 HIS A 21 ? HIS A 21 . ? 1_555 ? 
4 AC1 4 HIS A 27 ? HIS A 27 . ? 1_555 ? 
# 
loop_
_pdbx_validate_rmsd_bond.id 
_pdbx_validate_rmsd_bond.PDB_model_num 
_pdbx_validate_rmsd_bond.auth_atom_id_1 
_pdbx_validate_rmsd_bond.auth_asym_id_1 
_pdbx_validate_rmsd_bond.auth_comp_id_1 
_pdbx_validate_rmsd_bond.auth_seq_id_1 
_pdbx_validate_rmsd_bond.PDB_ins_code_1 
_pdbx_validate_rmsd_bond.label_alt_id_1 
_pdbx_validate_rmsd_bond.auth_atom_id_2 
_pdbx_validate_rmsd_bond.auth_asym_id_2 
_pdbx_validate_rmsd_bond.auth_comp_id_2 
_pdbx_validate_rmsd_bond.auth_seq_id_2 
_pdbx_validate_rmsd_bond.PDB_ins_code_2 
_pdbx_validate_rmsd_bond.label_alt_id_2 
_pdbx_validate_rmsd_bond.bond_value 
_pdbx_validate_rmsd_bond.bond_target_value 
_pdbx_validate_rmsd_bond.bond_deviation 
_pdbx_validate_rmsd_bond.bond_standard_deviation 
_pdbx_validate_rmsd_bond.linker_flag 
1 1 CG A HIS 4  ? ? ND1 A HIS 4  ? ? 1.253 1.369 -0.116 0.015 N 
2 1 CG A HIS 27 ? ? ND1 A HIS 27 ? ? 1.272 1.369 -0.097 0.015 N 
# 
loop_
_pdbx_validate_torsion.id 
_pdbx_validate_torsion.PDB_model_num 
_pdbx_validate_torsion.auth_comp_id 
_pdbx_validate_torsion.auth_asym_id 
_pdbx_validate_torsion.auth_seq_id 
_pdbx_validate_torsion.PDB_ins_code 
_pdbx_validate_torsion.label_alt_id 
_pdbx_validate_torsion.phi 
_pdbx_validate_torsion.psi 
1  1 PRO A 2  ? ? -63.19  7.99    
2  1 CYS A 5  ? ? -45.11  162.84  
3  1 TYR A 7  ? ? -160.62 -76.00  
4  1 CYS A 8  ? ? -59.19  -160.70 
5  1 PHE A 10 ? ? -67.63  98.43   
6  1 SER A 24 ? ? -50.15  175.05  
7  1 LYS A 25 ? ? -76.94  29.47   
8  1 ALA A 26 ? ? -46.94  -92.79  
9  1 HIS A 27 ? ? -176.11 75.19   
10 1 SER A 28 ? ? -165.44 47.11   
11 1 LYS A 29 ? ? -84.90  39.34   
# 
_pdbx_validate_planes.id              1 
_pdbx_validate_planes.PDB_model_num   1 
_pdbx_validate_planes.auth_comp_id    ARG 
_pdbx_validate_planes.auth_asym_id    A 
_pdbx_validate_planes.auth_seq_id     1 
_pdbx_validate_planes.PDB_ins_code    ? 
_pdbx_validate_planes.label_alt_id    ? 
_pdbx_validate_planes.rmsd            0.304 
_pdbx_validate_planes.type            'SIDE CHAIN' 
# 
_pdbx_nmr_ensemble.entry_id                             3ZNF 
_pdbx_nmr_ensemble.conformers_calculated_total_number   ? 
_pdbx_nmr_ensemble.conformers_submitted_total_number    1 
_pdbx_nmr_ensemble.conformer_selection_criteria         ? 
# 
_pdbx_nmr_refine.entry_id           3ZNF 
_pdbx_nmr_refine.method             ? 
_pdbx_nmr_refine.details            
;THE 3D STRUCTURE OF THE ZINC FINGER IN SOLUTION
 BY NMR IS BASED ON 487 APPROXIMATE INTERPROTON DISTANCE
 RESTRAINTS AND 63 TORSION ANGLE RESTRAINTS DERIVED FROM
 NOE AND COUPLING CONSTANT MEASUREMENTS.  THE STRUCTURES
 ARE CALCULATED USING THE HYBRID METRIC MATRIX DISTANCE
 GEOMETRY-DYNAMICAL SIMULATED ANNEALING METHOD DESCRIBED
 BY M. NILGES, G. M. CLORE, AND A. M. GRONENBORN (1988)
 FEBS LETT 229, 317.

THIS ENTRY REPRESENTS THE RESTRAINED MINIMIZED AVERAGE
STRUCTURE (SA)$R DERIVED BY RESTRAINED LEAST SQUARE
REFINEMENT OF THE MEAN STRUCTURE OBTAINED BY AVERAGING THE
COORDINATES OF THE FINAL 41 SA STRUCTURES BEST FITTED TO
EACH OTHER.  THE ENTIRE SET OF 41 MODELS CAN BE FOUND IN
PDB ENTRY 4ZNF.

THE FIELD IN THIS ENTRY THAT OCCUPIES COLUMNS 61 - 66
(RESERVED FOR B-VALUES IN X-RAY CRYSTALLOGRAPHIC ENTRIES)
GIVES THE AVERAGE RMS DIFFERENCE BETWEEN THE INDIVIDUAL SA
STRUCTURES AND THE MEAN STRUCTURE.
;
_pdbx_nmr_refine.software_ordinal   1 
# 
loop_
_chem_comp_atom.comp_id 
_chem_comp_atom.atom_id 
_chem_comp_atom.type_symbol 
_chem_comp_atom.pdbx_aromatic_flag 
_chem_comp_atom.pdbx_stereo_config 
_chem_comp_atom.pdbx_ordinal 
ALA N    N  N N 1   
ALA CA   C  N S 2   
ALA C    C  N N 3   
ALA O    O  N N 4   
ALA CB   C  N N 5   
ALA OXT  O  N N 6   
ALA H    H  N N 7   
ALA H2   H  N N 8   
ALA HA   H  N N 9   
ALA HB1  H  N N 10  
ALA HB2  H  N N 11  
ALA HB3  H  N N 12  
ALA HXT  H  N N 13  
ARG N    N  N N 14  
ARG CA   C  N S 15  
ARG C    C  N N 16  
ARG O    O  N N 17  
ARG CB   C  N N 18  
ARG CG   C  N N 19  
ARG CD   C  N N 20  
ARG NE   N  N N 21  
ARG CZ   C  N N 22  
ARG NH1  N  N N 23  
ARG NH2  N  N N 24  
ARG OXT  O  N N 25  
ARG H    H  N N 26  
ARG H2   H  N N 27  
ARG HA   H  N N 28  
ARG HB2  H  N N 29  
ARG HB3  H  N N 30  
ARG HG2  H  N N 31  
ARG HG3  H  N N 32  
ARG HD2  H  N N 33  
ARG HD3  H  N N 34  
ARG HE   H  N N 35  
ARG HH11 H  N N 36  
ARG HH12 H  N N 37  
ARG HH21 H  N N 38  
ARG HH22 H  N N 39  
ARG HXT  H  N N 40  
ASN N    N  N N 41  
ASN CA   C  N S 42  
ASN C    C  N N 43  
ASN O    O  N N 44  
ASN CB   C  N N 45  
ASN CG   C  N N 46  
ASN OD1  O  N N 47  
ASN ND2  N  N N 48  
ASN OXT  O  N N 49  
ASN H    H  N N 50  
ASN H2   H  N N 51  
ASN HA   H  N N 52  
ASN HB2  H  N N 53  
ASN HB3  H  N N 54  
ASN HD21 H  N N 55  
ASN HD22 H  N N 56  
ASN HXT  H  N N 57  
CYS N    N  N N 58  
CYS CA   C  N R 59  
CYS C    C  N N 60  
CYS O    O  N N 61  
CYS CB   C  N N 62  
CYS SG   S  N N 63  
CYS OXT  O  N N 64  
CYS H    H  N N 65  
CYS H2   H  N N 66  
CYS HA   H  N N 67  
CYS HB2  H  N N 68  
CYS HB3  H  N N 69  
CYS HG   H  N N 70  
CYS HXT  H  N N 71  
GLY N    N  N N 72  
GLY CA   C  N N 73  
GLY C    C  N N 74  
GLY O    O  N N 75  
GLY OXT  O  N N 76  
GLY H    H  N N 77  
GLY H2   H  N N 78  
GLY HA2  H  N N 79  
GLY HA3  H  N N 80  
GLY HXT  H  N N 81  
HIS N    N  N N 82  
HIS CA   C  N S 83  
HIS C    C  N N 84  
HIS O    O  N N 85  
HIS CB   C  N N 86  
HIS CG   C  Y N 87  
HIS ND1  N  Y N 88  
HIS CD2  C  Y N 89  
HIS CE1  C  Y N 90  
HIS NE2  N  Y N 91  
HIS OXT  O  N N 92  
HIS H    H  N N 93  
HIS H2   H  N N 94  
HIS HA   H  N N 95  
HIS HB2  H  N N 96  
HIS HB3  H  N N 97  
HIS HD1  H  N N 98  
HIS HD2  H  N N 99  
HIS HE1  H  N N 100 
HIS HE2  H  N N 101 
HIS HXT  H  N N 102 
LEU N    N  N N 103 
LEU CA   C  N S 104 
LEU C    C  N N 105 
LEU O    O  N N 106 
LEU CB   C  N N 107 
LEU CG   C  N N 108 
LEU CD1  C  N N 109 
LEU CD2  C  N N 110 
LEU OXT  O  N N 111 
LEU H    H  N N 112 
LEU H2   H  N N 113 
LEU HA   H  N N 114 
LEU HB2  H  N N 115 
LEU HB3  H  N N 116 
LEU HG   H  N N 117 
LEU HD11 H  N N 118 
LEU HD12 H  N N 119 
LEU HD13 H  N N 120 
LEU HD21 H  N N 121 
LEU HD22 H  N N 122 
LEU HD23 H  N N 123 
LEU HXT  H  N N 124 
LYS N    N  N N 125 
LYS CA   C  N S 126 
LYS C    C  N N 127 
LYS O    O  N N 128 
LYS CB   C  N N 129 
LYS CG   C  N N 130 
LYS CD   C  N N 131 
LYS CE   C  N N 132 
LYS NZ   N  N N 133 
LYS OXT  O  N N 134 
LYS H    H  N N 135 
LYS H2   H  N N 136 
LYS HA   H  N N 137 
LYS HB2  H  N N 138 
LYS HB3  H  N N 139 
LYS HG2  H  N N 140 
LYS HG3  H  N N 141 
LYS HD2  H  N N 142 
LYS HD3  H  N N 143 
LYS HE2  H  N N 144 
LYS HE3  H  N N 145 
LYS HZ1  H  N N 146 
LYS HZ2  H  N N 147 
LYS HZ3  H  N N 148 
LYS HXT  H  N N 149 
MET N    N  N N 150 
MET CA   C  N S 151 
MET C    C  N N 152 
MET O    O  N N 153 
MET CB   C  N N 154 
MET CG   C  N N 155 
MET SD   S  N N 156 
MET CE   C  N N 157 
MET OXT  O  N N 158 
MET H    H  N N 159 
MET H2   H  N N 160 
MET HA   H  N N 161 
MET HB2  H  N N 162 
MET HB3  H  N N 163 
MET HG2  H  N N 164 
MET HG3  H  N N 165 
MET HE1  H  N N 166 
MET HE2  H  N N 167 
MET HE3  H  N N 168 
MET HXT  H  N N 169 
PHE N    N  N N 170 
PHE CA   C  N S 171 
PHE C    C  N N 172 
PHE O    O  N N 173 
PHE CB   C  N N 174 
PHE CG   C  Y N 175 
PHE CD1  C  Y N 176 
PHE CD2  C  Y N 177 
PHE CE1  C  Y N 178 
PHE CE2  C  Y N 179 
PHE CZ   C  Y N 180 
PHE OXT  O  N N 181 
PHE H    H  N N 182 
PHE H2   H  N N 183 
PHE HA   H  N N 184 
PHE HB2  H  N N 185 
PHE HB3  H  N N 186 
PHE HD1  H  N N 187 
PHE HD2  H  N N 188 
PHE HE1  H  N N 189 
PHE HE2  H  N N 190 
PHE HZ   H  N N 191 
PHE HXT  H  N N 192 
PRO N    N  N N 193 
PRO CA   C  N S 194 
PRO C    C  N N 195 
PRO O    O  N N 196 
PRO CB   C  N N 197 
PRO CG   C  N N 198 
PRO CD   C  N N 199 
PRO OXT  O  N N 200 
PRO H    H  N N 201 
PRO HA   H  N N 202 
PRO HB2  H  N N 203 
PRO HB3  H  N N 204 
PRO HG2  H  N N 205 
PRO HG3  H  N N 206 
PRO HD2  H  N N 207 
PRO HD3  H  N N 208 
PRO HXT  H  N N 209 
SER N    N  N N 210 
SER CA   C  N S 211 
SER C    C  N N 212 
SER O    O  N N 213 
SER CB   C  N N 214 
SER OG   O  N N 215 
SER OXT  O  N N 216 
SER H    H  N N 217 
SER H2   H  N N 218 
SER HA   H  N N 219 
SER HB2  H  N N 220 
SER HB3  H  N N 221 
SER HG   H  N N 222 
SER HXT  H  N N 223 
THR N    N  N N 224 
THR CA   C  N S 225 
THR C    C  N N 226 
THR O    O  N N 227 
THR CB   C  N R 228 
THR OG1  O  N N 229 
THR CG2  C  N N 230 
THR OXT  O  N N 231 
THR H    H  N N 232 
THR H2   H  N N 233 
THR HA   H  N N 234 
THR HB   H  N N 235 
THR HG1  H  N N 236 
THR HG21 H  N N 237 
THR HG22 H  N N 238 
THR HG23 H  N N 239 
THR HXT  H  N N 240 
TYR N    N  N N 241 
TYR CA   C  N S 242 
TYR C    C  N N 243 
TYR O    O  N N 244 
TYR CB   C  N N 245 
TYR CG   C  Y N 246 
TYR CD1  C  Y N 247 
TYR CD2  C  Y N 248 
TYR CE1  C  Y N 249 
TYR CE2  C  Y N 250 
TYR CZ   C  Y N 251 
TYR OH   O  N N 252 
TYR OXT  O  N N 253 
TYR H    H  N N 254 
TYR H2   H  N N 255 
TYR HA   H  N N 256 
TYR HB2  H  N N 257 
TYR HB3  H  N N 258 
TYR HD1  H  N N 259 
TYR HD2  H  N N 260 
TYR HE1  H  N N 261 
TYR HE2  H  N N 262 
TYR HH   H  N N 263 
TYR HXT  H  N N 264 
ZN  ZN   ZN N N 265 
# 
loop_
_chem_comp_bond.comp_id 
_chem_comp_bond.atom_id_1 
_chem_comp_bond.atom_id_2 
_chem_comp_bond.value_order 
_chem_comp_bond.pdbx_aromatic_flag 
_chem_comp_bond.pdbx_stereo_config 
_chem_comp_bond.pdbx_ordinal 
ALA N   CA   sing N N 1   
ALA N   H    sing N N 2   
ALA N   H2   sing N N 3   
ALA CA  C    sing N N 4   
ALA CA  CB   sing N N 5   
ALA CA  HA   sing N N 6   
ALA C   O    doub N N 7   
ALA C   OXT  sing N N 8   
ALA CB  HB1  sing N N 9   
ALA CB  HB2  sing N N 10  
ALA CB  HB3  sing N N 11  
ALA OXT HXT  sing N N 12  
ARG N   CA   sing N N 13  
ARG N   H    sing N N 14  
ARG N   H2   sing N N 15  
ARG CA  C    sing N N 16  
ARG CA  CB   sing N N 17  
ARG CA  HA   sing N N 18  
ARG C   O    doub N N 19  
ARG C   OXT  sing N N 20  
ARG CB  CG   sing N N 21  
ARG CB  HB2  sing N N 22  
ARG CB  HB3  sing N N 23  
ARG CG  CD   sing N N 24  
ARG CG  HG2  sing N N 25  
ARG CG  HG3  sing N N 26  
ARG CD  NE   sing N N 27  
ARG CD  HD2  sing N N 28  
ARG CD  HD3  sing N N 29  
ARG NE  CZ   sing N N 30  
ARG NE  HE   sing N N 31  
ARG CZ  NH1  sing N N 32  
ARG CZ  NH2  doub N N 33  
ARG NH1 HH11 sing N N 34  
ARG NH1 HH12 sing N N 35  
ARG NH2 HH21 sing N N 36  
ARG NH2 HH22 sing N N 37  
ARG OXT HXT  sing N N 38  
ASN N   CA   sing N N 39  
ASN N   H    sing N N 40  
ASN N   H2   sing N N 41  
ASN CA  C    sing N N 42  
ASN CA  CB   sing N N 43  
ASN CA  HA   sing N N 44  
ASN C   O    doub N N 45  
ASN C   OXT  sing N N 46  
ASN CB  CG   sing N N 47  
ASN CB  HB2  sing N N 48  
ASN CB  HB3  sing N N 49  
ASN CG  OD1  doub N N 50  
ASN CG  ND2  sing N N 51  
ASN ND2 HD21 sing N N 52  
ASN ND2 HD22 sing N N 53  
ASN OXT HXT  sing N N 54  
CYS N   CA   sing N N 55  
CYS N   H    sing N N 56  
CYS N   H2   sing N N 57  
CYS CA  C    sing N N 58  
CYS CA  CB   sing N N 59  
CYS CA  HA   sing N N 60  
CYS C   O    doub N N 61  
CYS C   OXT  sing N N 62  
CYS CB  SG   sing N N 63  
CYS CB  HB2  sing N N 64  
CYS CB  HB3  sing N N 65  
CYS SG  HG   sing N N 66  
CYS OXT HXT  sing N N 67  
GLY N   CA   sing N N 68  
GLY N   H    sing N N 69  
GLY N   H2   sing N N 70  
GLY CA  C    sing N N 71  
GLY CA  HA2  sing N N 72  
GLY CA  HA3  sing N N 73  
GLY C   O    doub N N 74  
GLY C   OXT  sing N N 75  
GLY OXT HXT  sing N N 76  
HIS N   CA   sing N N 77  
HIS N   H    sing N N 78  
HIS N   H2   sing N N 79  
HIS CA  C    sing N N 80  
HIS CA  CB   sing N N 81  
HIS CA  HA   sing N N 82  
HIS C   O    doub N N 83  
HIS C   OXT  sing N N 84  
HIS CB  CG   sing N N 85  
HIS CB  HB2  sing N N 86  
HIS CB  HB3  sing N N 87  
HIS CG  ND1  sing Y N 88  
HIS CG  CD2  doub Y N 89  
HIS ND1 CE1  doub Y N 90  
HIS ND1 HD1  sing N N 91  
HIS CD2 NE2  sing Y N 92  
HIS CD2 HD2  sing N N 93  
HIS CE1 NE2  sing Y N 94  
HIS CE1 HE1  sing N N 95  
HIS NE2 HE2  sing N N 96  
HIS OXT HXT  sing N N 97  
LEU N   CA   sing N N 98  
LEU N   H    sing N N 99  
LEU N   H2   sing N N 100 
LEU CA  C    sing N N 101 
LEU CA  CB   sing N N 102 
LEU CA  HA   sing N N 103 
LEU C   O    doub N N 104 
LEU C   OXT  sing N N 105 
LEU CB  CG   sing N N 106 
LEU CB  HB2  sing N N 107 
LEU CB  HB3  sing N N 108 
LEU CG  CD1  sing N N 109 
LEU CG  CD2  sing N N 110 
LEU CG  HG   sing N N 111 
LEU CD1 HD11 sing N N 112 
LEU CD1 HD12 sing N N 113 
LEU CD1 HD13 sing N N 114 
LEU CD2 HD21 sing N N 115 
LEU CD2 HD22 sing N N 116 
LEU CD2 HD23 sing N N 117 
LEU OXT HXT  sing N N 118 
LYS N   CA   sing N N 119 
LYS N   H    sing N N 120 
LYS N   H2   sing N N 121 
LYS CA  C    sing N N 122 
LYS CA  CB   sing N N 123 
LYS CA  HA   sing N N 124 
LYS C   O    doub N N 125 
LYS C   OXT  sing N N 126 
LYS CB  CG   sing N N 127 
LYS CB  HB2  sing N N 128 
LYS CB  HB3  sing N N 129 
LYS CG  CD   sing N N 130 
LYS CG  HG2  sing N N 131 
LYS CG  HG3  sing N N 132 
LYS CD  CE   sing N N 133 
LYS CD  HD2  sing N N 134 
LYS CD  HD3  sing N N 135 
LYS CE  NZ   sing N N 136 
LYS CE  HE2  sing N N 137 
LYS CE  HE3  sing N N 138 
LYS NZ  HZ1  sing N N 139 
LYS NZ  HZ2  sing N N 140 
LYS NZ  HZ3  sing N N 141 
LYS OXT HXT  sing N N 142 
MET N   CA   sing N N 143 
MET N   H    sing N N 144 
MET N   H2   sing N N 145 
MET CA  C    sing N N 146 
MET CA  CB   sing N N 147 
MET CA  HA   sing N N 148 
MET C   O    doub N N 149 
MET C   OXT  sing N N 150 
MET CB  CG   sing N N 151 
MET CB  HB2  sing N N 152 
MET CB  HB3  sing N N 153 
MET CG  SD   sing N N 154 
MET CG  HG2  sing N N 155 
MET CG  HG3  sing N N 156 
MET SD  CE   sing N N 157 
MET CE  HE1  sing N N 158 
MET CE  HE2  sing N N 159 
MET CE  HE3  sing N N 160 
MET OXT HXT  sing N N 161 
PHE N   CA   sing N N 162 
PHE N   H    sing N N 163 
PHE N   H2   sing N N 164 
PHE CA  C    sing N N 165 
PHE CA  CB   sing N N 166 
PHE CA  HA   sing N N 167 
PHE C   O    doub N N 168 
PHE C   OXT  sing N N 169 
PHE CB  CG   sing N N 170 
PHE CB  HB2  sing N N 171 
PHE CB  HB3  sing N N 172 
PHE CG  CD1  doub Y N 173 
PHE CG  CD2  sing Y N 174 
PHE CD1 CE1  sing Y N 175 
PHE CD1 HD1  sing N N 176 
PHE CD2 CE2  doub Y N 177 
PHE CD2 HD2  sing N N 178 
PHE CE1 CZ   doub Y N 179 
PHE CE1 HE1  sing N N 180 
PHE CE2 CZ   sing Y N 181 
PHE CE2 HE2  sing N N 182 
PHE CZ  HZ   sing N N 183 
PHE OXT HXT  sing N N 184 
PRO N   CA   sing N N 185 
PRO N   CD   sing N N 186 
PRO N   H    sing N N 187 
PRO CA  C    sing N N 188 
PRO CA  CB   sing N N 189 
PRO CA  HA   sing N N 190 
PRO C   O    doub N N 191 
PRO C   OXT  sing N N 192 
PRO CB  CG   sing N N 193 
PRO CB  HB2  sing N N 194 
PRO CB  HB3  sing N N 195 
PRO CG  CD   sing N N 196 
PRO CG  HG2  sing N N 197 
PRO CG  HG3  sing N N 198 
PRO CD  HD2  sing N N 199 
PRO CD  HD3  sing N N 200 
PRO OXT HXT  sing N N 201 
SER N   CA   sing N N 202 
SER N   H    sing N N 203 
SER N   H2   sing N N 204 
SER CA  C    sing N N 205 
SER CA  CB   sing N N 206 
SER CA  HA   sing N N 207 
SER C   O    doub N N 208 
SER C   OXT  sing N N 209 
SER CB  OG   sing N N 210 
SER CB  HB2  sing N N 211 
SER CB  HB3  sing N N 212 
SER OG  HG   sing N N 213 
SER OXT HXT  sing N N 214 
THR N   CA   sing N N 215 
THR N   H    sing N N 216 
THR N   H2   sing N N 217 
THR CA  C    sing N N 218 
THR CA  CB   sing N N 219 
THR CA  HA   sing N N 220 
THR C   O    doub N N 221 
THR C   OXT  sing N N 222 
THR CB  OG1  sing N N 223 
THR CB  CG2  sing N N 224 
THR CB  HB   sing N N 225 
THR OG1 HG1  sing N N 226 
THR CG2 HG21 sing N N 227 
THR CG2 HG22 sing N N 228 
THR CG2 HG23 sing N N 229 
THR OXT HXT  sing N N 230 
TYR N   CA   sing N N 231 
TYR N   H    sing N N 232 
TYR N   H2   sing N N 233 
TYR CA  C    sing N N 234 
TYR CA  CB   sing N N 235 
TYR CA  HA   sing N N 236 
TYR C   O    doub N N 237 
TYR C   OXT  sing N N 238 
TYR CB  CG   sing N N 239 
TYR CB  HB2  sing N N 240 
TYR CB  HB3  sing N N 241 
TYR CG  CD1  doub Y N 242 
TYR CG  CD2  sing Y N 243 
TYR CD1 CE1  sing Y N 244 
TYR CD1 HD1  sing N N 245 
TYR CD2 CE2  doub Y N 246 
TYR CD2 HD2  sing N N 247 
TYR CE1 CZ   doub Y N 248 
TYR CE1 HE1  sing N N 249 
TYR CE2 CZ   sing Y N 250 
TYR CE2 HE2  sing N N 251 
TYR CZ  OH   sing N N 252 
TYR OH  HH   sing N N 253 
TYR OXT HXT  sing N N 254 
# 
_atom_sites.entry_id                    3ZNF 
_atom_sites.fract_transf_matrix[1][1]   1.000000 
_atom_sites.fract_transf_matrix[1][2]   0.000000 
_atom_sites.fract_transf_matrix[1][3]   0.000000 
_atom_sites.fract_transf_matrix[2][1]   0.000000 
_atom_sites.fract_transf_matrix[2][2]   1.000000 
_atom_sites.fract_transf_matrix[2][3]   0.000000 
_atom_sites.fract_transf_matrix[3][1]   0.000000 
_atom_sites.fract_transf_matrix[3][2]   0.000000 
_atom_sites.fract_transf_matrix[3][3]   1.000000 
_atom_sites.fract_transf_vector[1]      0.00000 
_atom_sites.fract_transf_vector[2]      0.00000 
_atom_sites.fract_transf_vector[3]      0.00000 
# 
_atom_sites_footnote.id     1 
_atom_sites_footnote.text   'THE C-TERMINAL TWO RESIDUES, LYS 29 AND LYS 30, ARE ILL-DEFINED.' 
# 
loop_
_atom_type.symbol 
C  
H  
N  
O  
S  
ZN 
# 
loop_
_atom_site.group_PDB 
_atom_site.id 
_atom_site.type_symbol 
_atom_site.label_atom_id 
_atom_site.label_alt_id 
_atom_site.label_comp_id 
_atom_site.label_asym_id 
_atom_site.label_entity_id 
_atom_site.label_seq_id 
_atom_site.pdbx_PDB_ins_code 
_atom_site.Cartn_x 
_atom_site.Cartn_y 
_atom_site.Cartn_z 
_atom_site.occupancy 
_atom_site.B_iso_or_equiv 
_atom_site.pdbx_formal_charge 
_atom_site.auth_seq_id 
_atom_site.auth_comp_id 
_atom_site.auth_asym_id 
_atom_site.auth_atom_id 
_atom_site.pdbx_PDB_model_num 
ATOM   1   N  N    . ARG A 1 1  ? 3.821  9.249   6.409   1.00 1.06 ? 1  ARG A N    1 
ATOM   2   C  CA   . ARG A 1 1  ? 4.736  8.150   6.827   1.00 0.36 ? 1  ARG A CA   1 
ATOM   3   C  C    . ARG A 1 1  ? 5.464  7.600   5.577   1.00 0.32 ? 1  ARG A C    1 
ATOM   4   O  O    . ARG A 1 1  ? 4.989  7.759   4.470   1.00 0.41 ? 1  ARG A O    1 
ATOM   5   C  CB   . ARG A 1 1  ? 3.932  7.015   7.482   1.00 0.69 ? 1  ARG A CB   1 
ATOM   6   C  CG   . ARG A 1 1  ? 3.918  7.202   9.005   1.00 0.88 ? 1  ARG A CG   1 
ATOM   7   C  CD   . ARG A 1 1  ? 3.173  8.495   9.345   1.00 0.66 ? 1  ARG A CD   1 
ATOM   8   N  NE   . ARG A 1 1  ? 3.154  8.668   10.825  1.00 0.92 ? 1  ARG A NE   1 
ATOM   9   C  CZ   . ARG A 1 1  ? 2.060  9.073   11.410  1.00 0.73 ? 1  ARG A CZ   1 
ATOM   10  N  NH1  . ARG A 1 1  ? 1.056  8.244   11.513  1.00 1.15 ? 1  ARG A NH1  1 
ATOM   11  N  NH2  . ARG A 1 1  ? 2.004  10.293  11.872  1.00 1.64 ? 1  ARG A NH2  1 
ATOM   12  H  H1   . ARG A 1 1  ? 4.071  9.562   5.450   1.00 1.70 ? 1  ARG A H1   1 
ATOM   13  H  H2   . ARG A 1 1  ? 2.839  8.904   6.417   1.00 1.84 ? 1  ARG A H2   1 
ATOM   14  H  H3   . ARG A 1 1  ? 3.912  10.048  7.070   1.00 0.73 ? 1  ARG A H3   1 
ATOM   15  H  HA   . ARG A 1 1  ? 5.443  8.544   7.526   1.00 0.57 ? 1  ARG A HA   1 
ATOM   16  H  HB2  . ARG A 1 1  ? 2.920  7.034   7.108   1.00 0.97 ? 1  ARG A HB2  1 
ATOM   17  H  HB3  . ARG A 1 1  ? 4.379  6.064   7.236   1.00 0.93 ? 1  ARG A HB3  1 
ATOM   18  H  HG2  . ARG A 1 1  ? 3.415  6.364   9.465   1.00 1.22 ? 1  ARG A HG2  1 
ATOM   19  H  HG3  . ARG A 1 1  ? 4.930  7.254   9.379   1.00 1.71 ? 1  ARG A HG3  1 
ATOM   20  H  HD2  . ARG A 1 1  ? 3.673  9.338   8.893   1.00 1.76 ? 1  ARG A HD2  1 
ATOM   21  H  HD3  . ARG A 1 1  ? 2.159  8.442   8.979   1.00 0.92 ? 1  ARG A HD3  1 
ATOM   22  H  HE   . ARG A 1 1  ? 3.957  8.481   11.356  1.00 1.70 ? 1  ARG A HE   1 
ATOM   23  H  HH11 . ARG A 1 1  ? 1.135  7.317   11.148  1.00 1.70 ? 1  ARG A HH11 1 
ATOM   24  H  HH12 . ARG A 1 1  ? 0.210  8.537   11.958  1.00 1.59 ? 1  ARG A HH12 1 
ATOM   25  H  HH21 . ARG A 1 1  ? 2.792  10.900  11.775  1.00 2.38 ? 1  ARG A HH21 1 
ATOM   26  H  HH22 . ARG A 1 1  ? 1.173  10.620  12.322  1.00 1.86 ? 1  ARG A HH22 1 
ATOM   27  N  N    . PRO A 1 2  ? 6.619  6.968   5.770   1.00 0.24 ? 2  PRO A N    1 
ATOM   28  C  CA   . PRO A 1 2  ? 7.372  6.395   4.643   1.00 0.27 ? 2  PRO A CA   1 
ATOM   29  C  C    . PRO A 1 2  ? 6.573  5.277   3.945   1.00 0.27 ? 2  PRO A C    1 
ATOM   30  O  O    . PRO A 1 2  ? 7.095  4.593   3.088   1.00 0.32 ? 2  PRO A O    1 
ATOM   31  C  CB   . PRO A 1 2  ? 8.647  5.811   5.263   1.00 0.26 ? 2  PRO A CB   1 
ATOM   32  C  CG   . PRO A 1 2  ? 8.530  5.973   6.808   1.00 0.25 ? 2  PRO A CG   1 
ATOM   33  C  CD   . PRO A 1 2  ? 7.269  6.809   7.089   1.00 0.16 ? 2  PRO A CD   1 
ATOM   34  H  HA   . PRO A 1 2  ? 7.635  7.162   3.939   1.00 0.33 ? 2  PRO A HA   1 
ATOM   35  H  HB2  . PRO A 1 2  ? 8.736  4.764   5.008   1.00 0.28 ? 2  PRO A HB2  1 
ATOM   36  H  HB3  . PRO A 1 2  ? 9.512  6.345   4.900   1.00 0.28 ? 2  PRO A HB3  1 
ATOM   37  H  HG2  . PRO A 1 2  ? 8.442  5.004   7.275   1.00 0.33 ? 2  PRO A HG2  1 
ATOM   38  H  HG3  . PRO A 1 2  ? 9.402  6.482   7.193   1.00 0.30 ? 2  PRO A HG3  1 
ATOM   39  H  HD2  . PRO A 1 2  ? 6.616  6.294   7.773   1.00 0.16 ? 2  PRO A HD2  1 
ATOM   40  H  HD3  . PRO A 1 2  ? 7.550  7.771   7.487   1.00 0.21 ? 2  PRO A HD3  1 
ATOM   41  N  N    . TYR A 1 3  ? 5.327  5.116   4.329   1.00 0.20 ? 3  TYR A N    1 
ATOM   42  C  CA   . TYR A 1 3  ? 4.496  4.038   3.698   1.00 0.20 ? 3  TYR A CA   1 
ATOM   43  C  C    . TYR A 1 3  ? 3.081  4.540   3.392   1.00 0.16 ? 3  TYR A C    1 
ATOM   44  O  O    . TYR A 1 3  ? 2.180  4.363   4.183   1.00 0.25 ? 3  TYR A O    1 
ATOM   45  C  CB   . TYR A 1 3  ? 4.409  2.858   4.660   1.00 0.20 ? 3  TYR A CB   1 
ATOM   46  C  CG   . TYR A 1 3  ? 5.786  2.218   4.794   1.00 0.24 ? 3  TYR A CG   1 
ATOM   47  C  CD1  . TYR A 1 3  ? 6.270  1.390   3.803   1.00 0.22 ? 3  TYR A CD1  1 
ATOM   48  C  CD2  . TYR A 1 3  ? 6.565  2.459   5.905   1.00 0.30 ? 3  TYR A CD2  1 
ATOM   49  C  CE1  . TYR A 1 3  ? 7.517  0.810   3.923   1.00 0.25 ? 3  TYR A CE1  1 
ATOM   50  C  CE2  . TYR A 1 3  ? 7.811  1.882   6.027   1.00 0.33 ? 3  TYR A CE2  1 
ATOM   51  C  CZ   . TYR A 1 3  ? 8.297  1.052   5.035   1.00 0.30 ? 3  TYR A CZ   1 
ATOM   52  O  OH   . TYR A 1 3  ? 9.545  0.473   5.156   1.00 0.33 ? 3  TYR A OH   1 
ATOM   53  H  H    . TYR A 1 3  ? 4.945  5.688   5.024   1.00 0.16 ? 3  TYR A H    1 
ATOM   54  H  HA   . TYR A 1 3  ? 4.961  3.714   2.784   1.00 0.23 ? 3  TYR A HA   1 
ATOM   55  H  HB2  . TYR A 1 3  ? 4.080  3.198   5.630   1.00 0.19 ? 3  TYR A HB2  1 
ATOM   56  H  HB3  . TYR A 1 3  ? 3.712  2.125   4.282   1.00 0.21 ? 3  TYR A HB3  1 
ATOM   57  H  HD1  . TYR A 1 3  ? 5.665  1.190   2.926   1.00 0.21 ? 3  TYR A HD1  1 
ATOM   58  H  HD2  . TYR A 1 3  ? 6.198  3.109   6.686   1.00 0.33 ? 3  TYR A HD2  1 
ATOM   59  H  HE1  . TYR A 1 3  ? 7.885  0.168   3.138   1.00 0.24 ? 3  TYR A HE1  1 
ATOM   60  H  HE2  . TYR A 1 3  ? 8.410  2.078   6.903   1.00 0.39 ? 3  TYR A HE2  1 
ATOM   61  H  HH   . TYR A 1 3  ? 9.934  0.423   4.281   1.00 0.90 ? 3  TYR A HH   1 
ATOM   62  N  N    . HIS A 1 4  ? 2.922  5.154   2.245   1.00 0.04 ? 4  HIS A N    1 
ATOM   63  C  CA   . HIS A 1 4  ? 1.570  5.666   1.844   1.00 0.04 ? 4  HIS A CA   1 
ATOM   64  C  C    . HIS A 1 4  ? 1.127  4.995   0.539   1.00 0.08 ? 4  HIS A C    1 
ATOM   65  O  O    . HIS A 1 4  ? 1.886  4.919   -0.405  1.00 0.17 ? 4  HIS A O    1 
ATOM   66  C  CB   . HIS A 1 4  ? 1.642  7.178   1.636   1.00 0.06 ? 4  HIS A CB   1 
ATOM   67  C  CG   . HIS A 1 4  ? 1.439  7.888   2.975   1.00 0.09 ? 4  HIS A CG   1 
ATOM   68  N  ND1  . HIS A 1 4  ? 0.633  8.827   3.172   1.00 0.19 ? 4  HIS A ND1  1 
ATOM   69  C  CD2  . HIS A 1 4  ? 2.054  7.674   4.193   1.00 0.14 ? 4  HIS A CD2  1 
ATOM   70  C  CE1  . HIS A 1 4  ? 0.674  9.225   4.378   1.00 0.19 ? 4  HIS A CE1  1 
ATOM   71  N  NE2  . HIS A 1 4  ? 1.557  8.546   5.104   1.00 0.14 ? 4  HIS A NE2  1 
ATOM   72  H  H    . HIS A 1 4  ? 3.689  5.281   1.648   1.00 0.05 ? 4  HIS A H    1 
ATOM   73  H  HA   . HIS A 1 4  ? 0.854  5.448   2.618   1.00 0.04 ? 4  HIS A HA   1 
ATOM   74  H  HB2  . HIS A 1 4  ? 2.609  7.444   1.235   1.00 0.05 ? 4  HIS A HB2  1 
ATOM   75  H  HB3  . HIS A 1 4  ? 0.873  7.491   0.947   1.00 0.10 ? 4  HIS A HB3  1 
ATOM   76  H  HD1  . HIS A 1 4  ? 0.045  9.205   2.485   1.00 0.29 ? 4  HIS A HD1  1 
ATOM   77  H  HD2  . HIS A 1 4  ? 2.804  6.925   4.389   1.00 0.24 ? 4  HIS A HD2  1 
ATOM   78  H  HE1  . HIS A 1 4  ? 0.059  10.019  4.771   1.00 0.28 ? 4  HIS A HE1  1 
ATOM   79  N  N    . CYS A 1 5  ? -0.090 4.521   0.510   1.00 0.05 ? 5  CYS A N    1 
ATOM   80  C  CA   . CYS A 1 5  ? -0.576 3.847   -0.741  1.00 0.06 ? 5  CYS A CA   1 
ATOM   81  C  C    . CYS A 1 5  ? -0.204 4.650   -1.996  1.00 0.09 ? 5  CYS A C    1 
ATOM   82  O  O    . CYS A 1 5  ? 0.125  5.818   -1.924  1.00 0.10 ? 5  CYS A O    1 
ATOM   83  C  CB   . CYS A 1 5  ? -2.097 3.694   -0.705  1.00 0.06 ? 5  CYS A CB   1 
ATOM   84  S  SG   . CYS A 1 5  ? -2.909 3.509   -2.324  1.00 0.12 ? 5  CYS A SG   1 
ATOM   85  H  H    . CYS A 1 5  ? -0.680 4.602   1.302   1.00 0.10 ? 5  CYS A H    1 
ATOM   86  H  HA   . CYS A 1 5  ? -0.130 2.869   -0.807  1.00 0.05 ? 5  CYS A HA   1 
ATOM   87  H  HB2  . CYS A 1 5  ? -2.334 2.829   -0.102  1.00 0.04 ? 5  CYS A HB2  1 
ATOM   88  H  HB3  . CYS A 1 5  ? -2.517 4.563   -0.221  1.00 0.08 ? 5  CYS A HB3  1 
ATOM   89  N  N    . SER A 1 6  ? -0.269 3.985   -3.123  1.00 0.11 ? 6  SER A N    1 
ATOM   90  C  CA   . SER A 1 6  ? 0.040  4.662   -4.421  1.00 0.15 ? 6  SER A CA   1 
ATOM   91  C  C    . SER A 1 6  ? -1.256 5.231   -5.003  1.00 0.11 ? 6  SER A C    1 
ATOM   92  O  O    . SER A 1 6  ? -1.354 5.510   -6.181  1.00 0.12 ? 6  SER A O    1 
ATOM   93  C  CB   . SER A 1 6  ? 0.623  3.626   -5.387  1.00 0.17 ? 6  SER A CB   1 
ATOM   94  O  OG   . SER A 1 6  ? 1.985  3.520   -5.001  1.00 0.27 ? 6  SER A OG   1 
ATOM   95  H  H    . SER A 1 6  ? -0.523 3.038   -3.115  1.00 0.12 ? 6  SER A H    1 
ATOM   96  H  HA   . SER A 1 6  ? 0.747  5.450   -4.265  1.00 0.22 ? 6  SER A HA   1 
ATOM   97  H  HB2  . SER A 1 6  ? 0.128  2.673   -5.268  1.00 0.15 ? 6  SER A HB2  1 
ATOM   98  H  HB3  . SER A 1 6  ? 0.545  3.963   -6.409  1.00 0.18 ? 6  SER A HB3  1 
ATOM   99  H  HG   . SER A 1 6  ? 2.110  2.663   -4.588  1.00 0.63 ? 6  SER A HG   1 
ATOM   100 N  N    . TYR A 1 7  ? -2.215 5.396   -4.141  1.00 0.12 ? 7  TYR A N    1 
ATOM   101 C  CA   . TYR A 1 7  ? -3.549 5.906   -4.567  1.00 0.11 ? 7  TYR A CA   1 
ATOM   102 C  C    . TYR A 1 7  ? -4.290 6.448   -3.346  1.00 0.12 ? 7  TYR A C    1 
ATOM   103 O  O    . TYR A 1 7  ? -4.386 7.644   -3.153  1.00 0.15 ? 7  TYR A O    1 
ATOM   104 C  CB   . TYR A 1 7  ? -4.349 4.755   -5.188  1.00 0.08 ? 7  TYR A CB   1 
ATOM   105 C  CG   . TYR A 1 7  ? -3.667 4.307   -6.484  1.00 0.11 ? 7  TYR A CG   1 
ATOM   106 C  CD1  . TYR A 1 7  ? -3.983 4.903   -7.687  1.00 0.14 ? 7  TYR A CD1  1 
ATOM   107 C  CD2  . TYR A 1 7  ? -2.723 3.300   -6.462  1.00 0.18 ? 7  TYR A CD2  1 
ATOM   108 C  CE1  . TYR A 1 7  ? -3.363 4.497   -8.851  1.00 0.21 ? 7  TYR A CE1  1 
ATOM   109 C  CE2  . TYR A 1 7  ? -2.103 2.897   -7.623  1.00 0.24 ? 7  TYR A CE2  1 
ATOM   110 C  CZ   . TYR A 1 7  ? -2.417 3.491   -8.828  1.00 0.26 ? 7  TYR A CZ   1 
ATOM   111 O  OH   . TYR A 1 7  ? -1.796 3.087   -9.992  1.00 0.33 ? 7  TYR A OH   1 
ATOM   112 H  H    . TYR A 1 7  ? -2.052 5.203   -3.198  1.00 0.15 ? 7  TYR A H    1 
ATOM   113 H  HA   . TYR A 1 7  ? -3.428 6.685   -5.283  1.00 0.13 ? 7  TYR A HA   1 
ATOM   114 H  HB2  . TYR A 1 7  ? -4.386 3.927   -4.503  1.00 0.12 ? 7  TYR A HB2  1 
ATOM   115 H  HB3  . TYR A 1 7  ? -5.354 5.081   -5.405  1.00 0.09 ? 7  TYR A HB3  1 
ATOM   116 H  HD1  . TYR A 1 7  ? -4.720 5.692   -7.718  1.00 0.14 ? 7  TYR A HD1  1 
ATOM   117 H  HD2  . TYR A 1 7  ? -2.471 2.822   -5.527  1.00 0.20 ? 7  TYR A HD2  1 
ATOM   118 H  HE1  . TYR A 1 7  ? -3.620 4.971   -9.787  1.00 0.25 ? 7  TYR A HE1  1 
ATOM   119 H  HE2  . TYR A 1 7  ? -1.349 2.127   -7.584  1.00 0.30 ? 7  TYR A HE2  1 
ATOM   120 H  HH   . TYR A 1 7  ? -1.696 3.856   -10.558 1.00 0.43 ? 7  TYR A HH   1 
ATOM   121 N  N    . CYS A 1 8  ? -4.796 5.553   -2.546  1.00 0.10 ? 8  CYS A N    1 
ATOM   122 C  CA   . CYS A 1 8  ? -5.512 6.004   -1.312  1.00 0.11 ? 8  CYS A CA   1 
ATOM   123 C  C    . CYS A 1 8  ? -4.570 6.815   -0.452  1.00 0.11 ? 8  CYS A C    1 
ATOM   124 O  O    . CYS A 1 8  ? -3.561 7.317   -0.908  1.00 0.17 ? 8  CYS A O    1 
ATOM   125 C  CB   . CYS A 1 8  ? -5.947 4.805   -0.450  1.00 0.12 ? 8  CYS A CB   1 
ATOM   126 S  SG   . CYS A 1 8  ? -6.555 3.310   -1.244  1.00 0.08 ? 8  CYS A SG   1 
ATOM   127 H  H    . CYS A 1 8  ? -4.711 4.605   -2.756  1.00 0.09 ? 8  CYS A H    1 
ATOM   128 H  HA   . CYS A 1 8  ? -6.373 6.594   -1.576  1.00 0.11 ? 8  CYS A HA   1 
ATOM   129 H  HB2  . CYS A 1 8  ? -5.102 4.519   0.161   1.00 0.17 ? 8  CYS A HB2  1 
ATOM   130 H  HB3  . CYS A 1 8  ? -6.722 5.147   0.220   1.00 0.43 ? 8  CYS A HB3  1 
ATOM   131 N  N    . ASN A 1 9  ? -4.938 6.920   0.785   1.00 0.04 ? 9  ASN A N    1 
ATOM   132 C  CA   . ASN A 1 9  ? -4.085 7.619   1.764   1.00 0.03 ? 9  ASN A CA   1 
ATOM   133 C  C    . ASN A 1 9  ? -3.852 6.658   2.923   1.00 0.05 ? 9  ASN A C    1 
ATOM   134 O  O    . ASN A 1 9  ? -3.558 7.060   4.030   1.00 0.08 ? 9  ASN A O    1 
ATOM   135 C  CB   . ASN A 1 9  ? -4.783 8.877   2.266   1.00 0.02 ? 9  ASN A CB   1 
ATOM   136 C  CG   . ASN A 1 9  ? -3.794 9.686   3.104   1.00 0.05 ? 9  ASN A CG   1 
ATOM   137 O  OD1  . ASN A 1 9  ? -4.109 10.746  3.609   1.00 0.11 ? 9  ASN A OD1  1 
ATOM   138 N  ND2  . ASN A 1 9  ? -2.584 9.219   3.277   1.00 0.04 ? 9  ASN A ND2  1 
ATOM   139 H  H    . ASN A 1 9  ? -5.795 6.536   1.071   1.00 0.05 ? 9  ASN A H    1 
ATOM   140 H  HA   . ASN A 1 9  ? -3.141 7.876   1.313   1.00 0.06 ? 9  ASN A HA   1 
ATOM   141 H  HB2  . ASN A 1 9  ? -5.114 9.474   1.428   1.00 0.05 ? 9  ASN A HB2  1 
ATOM   142 H  HB3  . ASN A 1 9  ? -5.635 8.609   2.873   1.00 0.04 ? 9  ASN A HB3  1 
ATOM   143 H  HD21 . ASN A 1 9  ? -2.324 8.361   2.869   1.00 0.05 ? 9  ASN A HD21 1 
ATOM   144 H  HD22 . ASN A 1 9  ? -1.936 9.724   3.811   1.00 0.07 ? 9  ASN A HD22 1 
ATOM   145 N  N    . PHE A 1 10 ? -3.999 5.387   2.623   1.00 0.05 ? 10 PHE A N    1 
ATOM   146 C  CA   . PHE A 1 10 ? -3.814 4.359   3.669   1.00 0.10 ? 10 PHE A CA   1 
ATOM   147 C  C    . PHE A 1 10 ? -2.353 4.328   4.083   1.00 0.14 ? 10 PHE A C    1 
ATOM   148 O  O    . PHE A 1 10 ? -1.530 3.742   3.421   1.00 0.30 ? 10 PHE A O    1 
ATOM   149 C  CB   . PHE A 1 10 ? -4.246 2.999   3.110   1.00 0.16 ? 10 PHE A CB   1 
ATOM   150 C  CG   . PHE A 1 10 ? -4.786 2.133   4.249   1.00 0.21 ? 10 PHE A CG   1 
ATOM   151 C  CD1  . PHE A 1 10 ? -3.925 1.564   5.172   1.00 0.25 ? 10 PHE A CD1  1 
ATOM   152 C  CD2  . PHE A 1 10 ? -6.145 1.909   4.370   1.00 0.23 ? 10 PHE A CD2  1 
ATOM   153 C  CE1  . PHE A 1 10 ? -4.418 0.784   6.198   1.00 0.29 ? 10 PHE A CE1  1 
ATOM   154 C  CE2  . PHE A 1 10 ? -6.636 1.130   5.398   1.00 0.28 ? 10 PHE A CE2  1 
ATOM   155 C  CZ   . PHE A 1 10 ? -5.773 0.568   6.310   1.00 0.30 ? 10 PHE A CZ   1 
ATOM   156 H  H    . PHE A 1 10 ? -4.202 5.116   1.700   1.00 0.02 ? 10 PHE A H    1 
ATOM   157 H  HA   . PHE A 1 10 ? -4.421 4.601   4.522   1.00 0.08 ? 10 PHE A HA   1 
ATOM   158 H  HB2  . PHE A 1 10 ? -5.025 3.141   2.374   1.00 0.15 ? 10 PHE A HB2  1 
ATOM   159 H  HB3  . PHE A 1 10 ? -3.408 2.501   2.645   1.00 0.20 ? 10 PHE A HB3  1 
ATOM   160 H  HD1  . PHE A 1 10 ? -2.862 1.732   5.091   1.00 0.27 ? 10 PHE A HD1  1 
ATOM   161 H  HD2  . PHE A 1 10 ? -6.827 2.351   3.658   1.00 0.23 ? 10 PHE A HD2  1 
ATOM   162 H  HE1  . PHE A 1 10 ? -3.741 0.345   6.915   1.00 0.33 ? 10 PHE A HE1  1 
ATOM   163 H  HE2  . PHE A 1 10 ? -7.698 0.960   5.486   1.00 0.32 ? 10 PHE A HE2  1 
ATOM   164 H  HZ   . PHE A 1 10 ? -6.157 -0.042  7.113   1.00 0.34 ? 10 PHE A HZ   1 
ATOM   165 N  N    . SER A 1 11 ? -2.053 4.979   5.161   1.00 0.11 ? 11 SER A N    1 
ATOM   166 C  CA   . SER A 1 11 ? -0.644 4.999   5.615   1.00 0.14 ? 11 SER A CA   1 
ATOM   167 C  C    . SER A 1 11 ? -0.360 3.779   6.498   1.00 0.18 ? 11 SER A C    1 
ATOM   168 O  O    . SER A 1 11 ? -0.944 3.627   7.552   1.00 0.47 ? 11 SER A O    1 
ATOM   169 C  CB   . SER A 1 11 ? -0.396 6.277   6.410   1.00 0.16 ? 11 SER A CB   1 
ATOM   170 O  OG   . SER A 1 11 ? 0.803  6.014   7.124   1.00 0.45 ? 11 SER A OG   1 
ATOM   171 H  H    . SER A 1 11 ? -2.747 5.451   5.668   1.00 0.20 ? 11 SER A H    1 
ATOM   172 H  HA   . SER A 1 11 ? 0.004  4.982   4.749   1.00 0.15 ? 11 SER A HA   1 
ATOM   173 H  HB2  . SER A 1 11 ? -0.260 7.117   5.749   1.00 0.20 ? 11 SER A HB2  1 
ATOM   174 H  HB3  . SER A 1 11 ? -1.206 6.464   7.096   1.00 0.32 ? 11 SER A HB3  1 
ATOM   175 H  HG   . SER A 1 11 ? 1.148  6.851   7.442   1.00 0.96 ? 11 SER A HG   1 
ATOM   176 N  N    . PHE A 1 12 ? 0.531  2.941   6.052   1.00 0.16 ? 12 PHE A N    1 
ATOM   177 C  CA   . PHE A 1 12 ? 0.860  1.726   6.853   1.00 0.16 ? 12 PHE A CA   1 
ATOM   178 C  C    . PHE A 1 12 ? 2.087  1.987   7.731   1.00 0.16 ? 12 PHE A C    1 
ATOM   179 O  O    . PHE A 1 12 ? 2.486  3.120   7.916   1.00 0.15 ? 12 PHE A O    1 
ATOM   180 C  CB   . PHE A 1 12 ? 1.132  0.566   5.902   1.00 0.19 ? 12 PHE A CB   1 
ATOM   181 C  CG   . PHE A 1 12 ? -0.029 0.446   4.912   1.00 0.17 ? 12 PHE A CG   1 
ATOM   182 C  CD1  . PHE A 1 12 ? -0.124 1.316   3.847   1.00 0.14 ? 12 PHE A CD1  1 
ATOM   183 C  CD2  . PHE A 1 12 ? -0.999 -0.531  5.069   1.00 0.21 ? 12 PHE A CD2  1 
ATOM   184 C  CE1  . PHE A 1 12 ? -1.165 1.208   2.945   1.00 0.15 ? 12 PHE A CE1  1 
ATOM   185 C  CE2  . PHE A 1 12 ? -2.040 -0.634  4.168   1.00 0.21 ? 12 PHE A CE2  1 
ATOM   186 C  CZ   . PHE A 1 12 ? -2.121 0.238   3.108   1.00 0.17 ? 12 PHE A CZ   1 
ATOM   187 H  H    . PHE A 1 12 ? 0.981  3.107   5.198   1.00 0.38 ? 12 PHE A H    1 
ATOM   188 H  HA   . PHE A 1 12 ? 0.022  1.477   7.482   1.00 0.16 ? 12 PHE A HA   1 
ATOM   189 H  HB2  . PHE A 1 12 ? 2.048  0.746   5.359   1.00 0.20 ? 12 PHE A HB2  1 
ATOM   190 H  HB3  . PHE A 1 12 ? 1.224  -0.352  6.459   1.00 0.25 ? 12 PHE A HB3  1 
ATOM   191 H  HD1  . PHE A 1 12 ? 0.601  2.106   3.739   1.00 0.17 ? 12 PHE A HD1  1 
ATOM   192 H  HD2  . PHE A 1 12 ? -0.944 -1.210  5.904   1.00 0.26 ? 12 PHE A HD2  1 
ATOM   193 H  HE1  . PHE A 1 12 ? -1.214 1.873   2.096   1.00 0.17 ? 12 PHE A HE1  1 
ATOM   194 H  HE2  . PHE A 1 12 ? -2.792 -1.398  4.297   1.00 0.26 ? 12 PHE A HE2  1 
ATOM   195 H  HZ   . PHE A 1 12 ? -2.949 0.177   2.418   1.00 0.19 ? 12 PHE A HZ   1 
ATOM   196 N  N    . LYS A 1 13 ? 2.659  0.929   8.251   1.00 0.18 ? 13 LYS A N    1 
ATOM   197 C  CA   . LYS A 1 13 ? 3.855  1.092   9.141   1.00 0.19 ? 13 LYS A CA   1 
ATOM   198 C  C    . LYS A 1 13 ? 5.122  0.515   8.490   1.00 0.14 ? 13 LYS A C    1 
ATOM   199 O  O    . LYS A 1 13 ? 6.194  1.064   8.647   1.00 0.14 ? 13 LYS A O    1 
ATOM   200 C  CB   . LYS A 1 13 ? 3.591  0.365   10.457  1.00 0.22 ? 13 LYS A CB   1 
ATOM   201 C  CG   . LYS A 1 13 ? 4.864  0.385   11.306  1.00 0.23 ? 13 LYS A CG   1 
ATOM   202 C  CD   . LYS A 1 13 ? 4.484  0.577   12.776  1.00 0.31 ? 13 LYS A CD   1 
ATOM   203 C  CE   . LYS A 1 13 ? 5.748  0.498   13.634  1.00 0.67 ? 13 LYS A CE   1 
ATOM   204 N  NZ   . LYS A 1 13 ? 5.454  0.917   15.035  1.00 1.23 ? 13 LYS A NZ   1 
ATOM   205 H  H    . LYS A 1 13 ? 2.304  0.036   8.062   1.00 0.19 ? 13 LYS A H    1 
ATOM   206 H  HA   . LYS A 1 13 ? 4.012  2.135   9.345   1.00 0.20 ? 13 LYS A HA   1 
ATOM   207 H  HB2  . LYS A 1 13 ? 2.792  0.858   10.991  1.00 0.21 ? 13 LYS A HB2  1 
ATOM   208 H  HB3  . LYS A 1 13 ? 3.305  -0.657  10.256  1.00 0.25 ? 13 LYS A HB3  1 
ATOM   209 H  HG2  . LYS A 1 13 ? 5.395  -0.549  11.188  1.00 0.41 ? 13 LYS A HG2  1 
ATOM   210 H  HG3  . LYS A 1 13 ? 5.501  1.197   10.987  1.00 0.17 ? 13 LYS A HG3  1 
ATOM   211 H  HD2  . LYS A 1 13 ? 4.017  1.543   12.907  1.00 0.58 ? 13 LYS A HD2  1 
ATOM   212 H  HD3  . LYS A 1 13 ? 3.791  -0.194  13.076  1.00 0.85 ? 13 LYS A HD3  1 
ATOM   213 H  HE2  . LYS A 1 13 ? 6.117  -0.518  13.641  1.00 1.46 ? 13 LYS A HE2  1 
ATOM   214 H  HE3  . LYS A 1 13 ? 6.507  1.145   13.223  1.00 1.15 ? 13 LYS A HE3  1 
ATOM   215 H  HZ1  . LYS A 1 13 ? 4.707  1.640   15.030  1.00 1.50 ? 13 LYS A HZ1  1 
ATOM   216 H  HZ2  . LYS A 1 13 ? 5.136  0.094   15.584  1.00 1.79 ? 13 LYS A HZ2  1 
ATOM   217 H  HZ3  . LYS A 1 13 ? 6.315  1.310   15.465  1.00 1.79 ? 13 LYS A HZ3  1 
ATOM   218 N  N    . THR A 1 14 ? 4.974  -0.576  7.777   1.00 0.14 ? 14 THR A N    1 
ATOM   219 C  CA   . THR A 1 14 ? 6.168  -1.197  7.132   1.00 0.10 ? 14 THR A CA   1 
ATOM   220 C  C    . THR A 1 14 ? 5.853  -1.651  5.704   1.00 0.11 ? 14 THR A C    1 
ATOM   221 O  O    . THR A 1 14 ? 4.725  -1.588  5.258   1.00 0.18 ? 14 THR A O    1 
ATOM   222 C  CB   . THR A 1 14 ? 6.610  -2.406  7.963   1.00 0.07 ? 14 THR A CB   1 
ATOM   223 O  OG1  . THR A 1 14 ? 5.396  -3.000  8.411   1.00 0.14 ? 14 THR A OG1  1 
ATOM   224 C  CG2  . THR A 1 14 ? 7.344  -1.982  9.232   1.00 0.08 ? 14 THR A CG2  1 
ATOM   225 H  H    . THR A 1 14 ? 4.098  -0.974  7.664   1.00 0.18 ? 14 THR A H    1 
ATOM   226 H  HA   . THR A 1 14 ? 6.957  -0.485  7.105   1.00 0.09 ? 14 THR A HA   1 
ATOM   227 H  HB   . THR A 1 14 ? 7.195  -3.100  7.386   1.00 0.10 ? 14 THR A HB   1 
ATOM   228 H  HG1  . THR A 1 14 ? 5.519  -3.953  8.426   1.00 0.85 ? 14 THR A HG1  1 
ATOM   229 H  HG21 . THR A 1 14 ? 7.205  -0.925  9.397   1.00 0.70 ? 14 THR A HG21 1 
ATOM   230 H  HG22 . THR A 1 14 ? 6.955  -2.528  10.078  1.00 0.69 ? 14 THR A HG22 1 
ATOM   231 H  HG23 . THR A 1 14 ? 8.398  -2.190  9.129   1.00 0.83 ? 14 THR A HG23 1 
ATOM   232 N  N    . LYS A 1 15 ? 6.875  -2.101  5.018   1.00 0.05 ? 15 LYS A N    1 
ATOM   233 C  CA   . LYS A 1 15 ? 6.680  -2.566  3.619   1.00 0.07 ? 15 LYS A CA   1 
ATOM   234 C  C    . LYS A 1 15 ? 5.777  -3.802  3.586   1.00 0.07 ? 15 LYS A C    1 
ATOM   235 O  O    . LYS A 1 15 ? 4.974  -3.960  2.691   1.00 0.08 ? 15 LYS A O    1 
ATOM   236 C  CB   . LYS A 1 15 ? 8.042  -2.920  3.021   1.00 0.08 ? 15 LYS A CB   1 
ATOM   237 C  CG   . LYS A 1 15 ? 7.839  -3.485  1.613   1.00 0.29 ? 15 LYS A CG   1 
ATOM   238 C  CD   . LYS A 1 15 ? 9.165  -3.427  0.853   1.00 0.22 ? 15 LYS A CD   1 
ATOM   239 C  CE   . LYS A 1 15 ? 9.146  -4.463  -0.271  1.00 0.87 ? 15 LYS A CE   1 
ATOM   240 N  NZ   . LYS A 1 15 ? 9.929  -3.976  -1.442  1.00 1.18 ? 15 LYS A NZ   1 
ATOM   241 H  H    . LYS A 1 15 ? 7.761  -2.125  5.420   1.00 0.02 ? 15 LYS A H    1 
ATOM   242 H  HA   . LYS A 1 15 ? 6.236  -1.779  3.044   1.00 0.07 ? 15 LYS A HA   1 
ATOM   243 H  HB2  . LYS A 1 15 ? 8.658  -2.035  2.970   1.00 0.15 ? 15 LYS A HB2  1 
ATOM   244 H  HB3  . LYS A 1 15 ? 8.530  -3.655  3.640   1.00 0.11 ? 15 LYS A HB3  1 
ATOM   245 H  HG2  . LYS A 1 15 ? 7.504  -4.511  1.680   1.00 0.65 ? 15 LYS A HG2  1 
ATOM   246 H  HG3  . LYS A 1 15 ? 7.095  -2.903  1.091   1.00 0.53 ? 15 LYS A HG3  1 
ATOM   247 H  HD2  . LYS A 1 15 ? 9.301  -2.439  0.436   1.00 0.93 ? 15 LYS A HD2  1 
ATOM   248 H  HD3  . LYS A 1 15 ? 9.980  -3.640  1.529   1.00 0.90 ? 15 LYS A HD3  1 
ATOM   249 H  HE2  . LYS A 1 15 ? 9.578  -5.388  0.081   1.00 1.59 ? 15 LYS A HE2  1 
ATOM   250 H  HE3  . LYS A 1 15 ? 8.127  -4.644  -0.580  1.00 1.58 ? 15 LYS A HE3  1 
ATOM   251 H  HZ1  . LYS A 1 15 ? 10.140 -2.966  -1.321  1.00 1.13 ? 15 LYS A HZ1  1 
ATOM   252 H  HZ2  . LYS A 1 15 ? 10.819 -4.511  -1.511  1.00 1.66 ? 15 LYS A HZ2  1 
ATOM   253 H  HZ3  . LYS A 1 15 ? 9.374  -4.114  -2.311  1.00 1.98 ? 15 LYS A HZ3  1 
ATOM   254 N  N    . GLY A 1 16 ? 5.931  -4.654  4.561   1.00 0.08 ? 16 GLY A N    1 
ATOM   255 C  CA   . GLY A 1 16 ? 5.086  -5.879  4.596   1.00 0.08 ? 16 GLY A CA   1 
ATOM   256 C  C    . GLY A 1 16 ? 3.605  -5.501  4.526   1.00 0.07 ? 16 GLY A C    1 
ATOM   257 O  O    . GLY A 1 16 ? 2.871  -6.003  3.699   1.00 0.09 ? 16 GLY A O    1 
ATOM   258 H  H    . GLY A 1 16 ? 6.597  -4.490  5.262   1.00 0.09 ? 16 GLY A H    1 
ATOM   259 H  HA2  . GLY A 1 16 ? 5.334  -6.509  3.755   1.00 0.09 ? 16 GLY A HA2  1 
ATOM   260 H  HA3  . GLY A 1 16 ? 5.274  -6.417  5.513   1.00 0.08 ? 16 GLY A HA3  1 
ATOM   261 N  N    . ASN A 1 17 ? 3.200  -4.620  5.398   1.00 0.10 ? 17 ASN A N    1 
ATOM   262 C  CA   . ASN A 1 17 ? 1.777  -4.192  5.402   1.00 0.08 ? 17 ASN A CA   1 
ATOM   263 C  C    . ASN A 1 17 ? 1.432  -3.471  4.087   1.00 0.13 ? 17 ASN A C    1 
ATOM   264 O  O    . ASN A 1 17 ? 0.554  -3.892  3.361   1.00 0.28 ? 17 ASN A O    1 
ATOM   265 C  CB   . ASN A 1 17 ? 1.549  -3.258  6.584   1.00 0.05 ? 17 ASN A CB   1 
ATOM   266 C  CG   . ASN A 1 17 ? 1.743  -4.036  7.887   1.00 0.04 ? 17 ASN A CG   1 
ATOM   267 O  OD1  . ASN A 1 17 ? 0.809  -4.579  8.443   1.00 0.14 ? 17 ASN A OD1  1 
ATOM   268 N  ND2  . ASN A 1 17 ? 2.937  -4.115  8.404   1.00 0.07 ? 17 ASN A ND2  1 
ATOM   269 H  H    . ASN A 1 17 ? 3.824  -4.248  6.048   1.00 0.16 ? 17 ASN A H    1 
ATOM   270 H  HA   . ASN A 1 17 ? 1.153  -5.056  5.508   1.00 0.09 ? 17 ASN A HA   1 
ATOM   271 H  HB2  . ASN A 1 17 ? 2.256  -2.443  6.547   1.00 0.08 ? 17 ASN A HB2  1 
ATOM   272 H  HB3  . ASN A 1 17 ? 0.546  -2.865  6.551   1.00 0.07 ? 17 ASN A HB3  1 
ATOM   273 H  HD21 . ASN A 1 17 ? 3.695  -3.679  7.960   1.00 0.15 ? 17 ASN A HD21 1 
ATOM   274 H  HD22 . ASN A 1 17 ? 3.078  -4.610  9.239   1.00 0.07 ? 17 ASN A HD22 1 
ATOM   275 N  N    . LEU A 1 18 ? 2.132  -2.398  3.816   1.00 0.12 ? 18 LEU A N    1 
ATOM   276 C  CA   . LEU A 1 18 ? 1.869  -1.645  2.546   1.00 0.13 ? 18 LEU A CA   1 
ATOM   277 C  C    . LEU A 1 18 ? 1.737  -2.646  1.393   1.00 0.09 ? 18 LEU A C    1 
ATOM   278 O  O    . LEU A 1 18 ? 0.831  -2.561  0.592   1.00 0.17 ? 18 LEU A O    1 
ATOM   279 C  CB   . LEU A 1 18 ? 3.064  -0.682  2.306   1.00 0.15 ? 18 LEU A CB   1 
ATOM   280 C  CG   . LEU A 1 18 ? 2.944  0.119   0.963   1.00 0.17 ? 18 LEU A CG   1 
ATOM   281 C  CD1  . LEU A 1 18 ? 3.135  -0.796  -0.252  1.00 0.07 ? 18 LEU A CD1  1 
ATOM   282 C  CD2  . LEU A 1 18 ? 1.585  0.818   0.860   1.00 0.26 ? 18 LEU A CD2  1 
ATOM   283 H  H    . LEU A 1 18 ? 2.823  -2.090  4.439   1.00 0.22 ? 18 LEU A H    1 
ATOM   284 H  HA   . LEU A 1 18 ? 0.959  -1.080  2.648   1.00 0.18 ? 18 LEU A HA   1 
ATOM   285 H  HB2  . LEU A 1 18 ? 3.113  0.021   3.124   1.00 0.22 ? 18 LEU A HB2  1 
ATOM   286 H  HB3  . LEU A 1 18 ? 3.979  -1.253  2.297   1.00 0.13 ? 18 LEU A HB3  1 
ATOM   287 H  HG   . LEU A 1 18 ? 3.716  0.874   0.947   1.00 0.21 ? 18 LEU A HG   1 
ATOM   288 H  HD11 . LEU A 1 18 ? 3.706  -1.666  0.027   1.00 0.75 ? 18 LEU A HD11 1 
ATOM   289 H  HD12 . LEU A 1 18 ? 2.178  -1.103  -0.632  1.00 0.78 ? 18 LEU A HD12 1 
ATOM   290 H  HD13 . LEU A 1 18 ? 3.663  -0.259  -1.025  1.00 0.68 ? 18 LEU A HD13 1 
ATOM   291 H  HD21 . LEU A 1 18 ? 1.405  1.381   1.749   1.00 0.75 ? 18 LEU A HD21 1 
ATOM   292 H  HD22 . LEU A 1 18 ? 1.591  1.491   0.015   1.00 0.83 ? 18 LEU A HD22 1 
ATOM   293 H  HD23 . LEU A 1 18 ? 0.796  0.097   0.729   1.00 1.10 ? 18 LEU A HD23 1 
ATOM   294 N  N    . THR A 1 19 ? 2.642  -3.586  1.349   1.00 0.07 ? 19 THR A N    1 
ATOM   295 C  CA   . THR A 1 19 ? 2.593  -4.602  0.261   1.00 0.16 ? 19 THR A CA   1 
ATOM   296 C  C    . THR A 1 19 ? 1.258  -5.351  0.294   1.00 0.16 ? 19 THR A C    1 
ATOM   297 O  O    . THR A 1 19 ? 0.691  -5.646  -0.734  1.00 0.27 ? 19 THR A O    1 
ATOM   298 C  CB   . THR A 1 19 ? 3.742  -5.597  0.450   1.00 0.21 ? 19 THR A CB   1 
ATOM   299 O  OG1  . THR A 1 19 ? 4.924  -4.806  0.368   1.00 0.27 ? 19 THR A OG1  1 
ATOM   300 C  CG2  . THR A 1 19 ? 3.832  -6.577  -0.716  1.00 0.29 ? 19 THR A CG2  1 
ATOM   301 H  H    . THR A 1 19 ? 3.342  -3.625  2.028   1.00 0.08 ? 19 THR A H    1 
ATOM   302 H  HA   . THR A 1 19 ? 2.701  -4.111  -0.691  1.00 0.24 ? 19 THR A HA   1 
ATOM   303 H  HB   . THR A 1 19 ? 3.679  -6.112  1.391   1.00 0.18 ? 19 THR A HB   1 
ATOM   304 H  HG1  . THR A 1 19 ? 4.907  -4.332  -0.466  1.00 0.52 ? 19 THR A HG1  1 
ATOM   305 H  HG21 . THR A 1 19 ? 3.807  -6.036  -1.651  1.00 0.68 ? 19 THR A HG21 1 
ATOM   306 H  HG22 . THR A 1 19 ? 4.756  -7.134  -0.654  1.00 1.13 ? 19 THR A HG22 1 
ATOM   307 H  HG23 . THR A 1 19 ? 2.999  -7.265  -0.681  1.00 0.78 ? 19 THR A HG23 1 
ATOM   308 N  N    . LYS A 1 20 ? 0.787  -5.644  1.475   1.00 0.08 ? 20 LYS A N    1 
ATOM   309 C  CA   . LYS A 1 20 ? -0.517 -6.367  1.583   1.00 0.13 ? 20 LYS A CA   1 
ATOM   310 C  C    . LYS A 1 20 ? -1.598 -5.588  0.830   1.00 0.17 ? 20 LYS A C    1 
ATOM   311 O  O    . LYS A 1 20 ? -2.494 -6.164  0.243   1.00 0.26 ? 20 LYS A O    1 
ATOM   312 C  CB   . LYS A 1 20 ? -0.905 -6.488  3.054   1.00 0.14 ? 20 LYS A CB   1 
ATOM   313 C  CG   . LYS A 1 20 ? -1.372 -7.918  3.335   1.00 0.34 ? 20 LYS A CG   1 
ATOM   314 C  CD   . LYS A 1 20 ? -2.031 -7.967  4.715   1.00 0.46 ? 20 LYS A CD   1 
ATOM   315 C  CE   . LYS A 1 20 ? -2.166 -9.425  5.155   1.00 0.99 ? 20 LYS A CE   1 
ATOM   316 N  NZ   . LYS A 1 20 ? -3.499 -9.661  5.777   1.00 1.61 ? 20 LYS A NZ   1 
ATOM   317 H  H    . LYS A 1 20 ? 1.282  -5.390  2.283   1.00 0.07 ? 20 LYS A H    1 
ATOM   318 H  HA   . LYS A 1 20 ? -0.419 -7.352  1.153   1.00 0.15 ? 20 LYS A HA   1 
ATOM   319 H  HB2  . LYS A 1 20 ? -0.052 -6.256  3.675   1.00 0.17 ? 20 LYS A HB2  1 
ATOM   320 H  HB3  . LYS A 1 20 ? -1.704 -5.796  3.278   1.00 0.29 ? 20 LYS A HB3  1 
ATOM   321 H  HG2  . LYS A 1 20 ? -2.083 -8.223  2.582   1.00 0.82 ? 20 LYS A HG2  1 
ATOM   322 H  HG3  . LYS A 1 20 ? -0.523 -8.587  3.315   1.00 0.81 ? 20 LYS A HG3  1 
ATOM   323 H  HD2  . LYS A 1 20 ? -1.422 -7.428  5.427   1.00 1.03 ? 20 LYS A HD2  1 
ATOM   324 H  HD3  . LYS A 1 20 ? -3.008 -7.510  4.667   1.00 1.15 ? 20 LYS A HD3  1 
ATOM   325 H  HE2  . LYS A 1 20 ? -2.056 -10.075 4.298   1.00 1.47 ? 20 LYS A HE2  1 
ATOM   326 H  HE3  . LYS A 1 20 ? -1.395 -9.660  5.875   1.00 1.65 ? 20 LYS A HE3  1 
ATOM   327 H  HZ1  . LYS A 1 20 ? -3.659 -8.962  6.531   1.00 1.93 ? 20 LYS A HZ1  1 
ATOM   328 H  HZ2  . LYS A 1 20 ? -4.240 -9.564  5.054   1.00 1.66 ? 20 LYS A HZ2  1 
ATOM   329 H  HZ3  . LYS A 1 20 ? -3.531 -10.619 6.179   1.00 2.47 ? 20 LYS A HZ3  1 
ATOM   330 N  N    . HIS A 1 21 ? -1.492 -4.290  0.871   1.00 0.13 ? 21 HIS A N    1 
ATOM   331 C  CA   . HIS A 1 21 ? -2.485 -3.445  0.152   1.00 0.18 ? 21 HIS A CA   1 
ATOM   332 C  C    . HIS A 1 21 ? -2.286 -3.601  -1.353  1.00 0.24 ? 21 HIS A C    1 
ATOM   333 O  O    . HIS A 1 21 ? -3.210 -3.910  -2.079  1.00 0.26 ? 21 HIS A O    1 
ATOM   334 C  CB   . HIS A 1 21 ? -2.264 -2.003  0.554   1.00 0.15 ? 21 HIS A CB   1 
ATOM   335 C  CG   . HIS A 1 21 ? -3.331 -1.104  -0.071  1.00 0.14 ? 21 HIS A CG   1 
ATOM   336 N  ND1  . HIS A 1 21 ? -4.596 -1.282  0.002   1.00 0.18 ? 21 HIS A ND1  1 
ATOM   337 C  CD2  . HIS A 1 21 ? -3.166 0.057   -0.797  1.00 0.09 ? 21 HIS A CD2  1 
ATOM   338 C  CE1  . HIS A 1 21 ? -5.224 -0.340  -0.606  1.00 0.17 ? 21 HIS A CE1  1 
ATOM   339 N  NE2  . HIS A 1 21 ? -4.378 0.518   -1.124  1.00 0.11 ? 21 HIS A NE2  1 
ATOM   340 H  H    . HIS A 1 21 ? -0.760 -3.873  1.372   1.00 0.10 ? 21 HIS A H    1 
ATOM   341 H  HA   . HIS A 1 21 ? -3.473 -3.741  0.420   1.00 0.19 ? 21 HIS A HA   1 
ATOM   342 H  HB2  . HIS A 1 21 ? -2.300 -1.918  1.620   1.00 0.16 ? 21 HIS A HB2  1 
ATOM   343 H  HB3  . HIS A 1 21 ? -1.307 -1.686  0.216   1.00 0.18 ? 21 HIS A HB3  1 
ATOM   344 H  HD1  . HIS A 1 21 ? -5.028 -2.033  0.459   1.00 0.23 ? 21 HIS A HD1  1 
ATOM   345 H  HD2  . HIS A 1 21 ? -2.224 0.534   -1.020  1.00 0.10 ? 21 HIS A HD2  1 
ATOM   346 H  HE1  . HIS A 1 21 ? -6.295 -0.242  -0.645  1.00 0.20 ? 21 HIS A HE1  1 
ATOM   347 N  N    . MET A 1 22 ? -1.077 -3.380  -1.787  1.00 0.27 ? 22 MET A N    1 
ATOM   348 C  CA   . MET A 1 22 ? -0.781 -3.529  -3.245  1.00 0.31 ? 22 MET A CA   1 
ATOM   349 C  C    . MET A 1 22 ? -0.973 -4.991  -3.659  1.00 0.31 ? 22 MET A C    1 
ATOM   350 O  O    . MET A 1 22 ? -1.184 -5.294  -4.817  1.00 0.49 ? 22 MET A O    1 
ATOM   351 C  CB   . MET A 1 22 ? 0.671  -3.127  -3.523  1.00 0.31 ? 22 MET A CB   1 
ATOM   352 C  CG   . MET A 1 22 ? 0.904  -1.672  -3.107  1.00 0.37 ? 22 MET A CG   1 
ATOM   353 S  SD   . MET A 1 22 ? 0.487  -0.381  -4.303  1.00 1.03 ? 22 MET A SD   1 
ATOM   354 C  CE   . MET A 1 22 ? -0.890 0.360   -3.392  1.00 0.39 ? 22 MET A CE   1 
ATOM   355 H  H    . MET A 1 22 ? -0.372 -3.115  -1.157  1.00 0.26 ? 22 MET A H    1 
ATOM   356 H  HA   . MET A 1 22 ? -1.445 -2.903  -3.815  1.00 0.33 ? 22 MET A HA   1 
ATOM   357 H  HB2  . MET A 1 22 ? 1.336  -3.771  -2.964  1.00 0.25 ? 22 MET A HB2  1 
ATOM   358 H  HB3  . MET A 1 22 ? 0.880  -3.237  -4.577  1.00 0.38 ? 22 MET A HB3  1 
ATOM   359 H  HG2  . MET A 1 22 ? 0.343  -1.481  -2.206  1.00 0.58 ? 22 MET A HG2  1 
ATOM   360 H  HG3  . MET A 1 22 ? 1.949  -1.561  -2.872  1.00 0.99 ? 22 MET A HG3  1 
ATOM   361 H  HE1  . MET A 1 22 ? -1.559 -0.418  -3.053  1.00 0.92 ? 22 MET A HE1  1 
ATOM   362 H  HE2  . MET A 1 22 ? -0.504 0.902   -2.541  1.00 1.47 ? 22 MET A HE2  1 
ATOM   363 H  HE3  . MET A 1 22 ? -1.427 1.039   -4.038  1.00 0.82 ? 22 MET A HE3  1 
ATOM   364 N  N    . LYS A 1 23 ? -0.893 -5.867  -2.692  1.00 0.25 ? 23 LYS A N    1 
ATOM   365 C  CA   . LYS A 1 23 ? -1.057 -7.319  -2.993  1.00 0.25 ? 23 LYS A CA   1 
ATOM   366 C  C    . LYS A 1 23 ? -2.488 -7.598  -3.446  1.00 0.25 ? 23 LYS A C    1 
ATOM   367 O  O    . LYS A 1 23 ? -2.722 -7.991  -4.571  1.00 0.50 ? 23 LYS A O    1 
ATOM   368 C  CB   . LYS A 1 23 ? -0.748 -8.126  -1.729  1.00 0.26 ? 23 LYS A CB   1 
ATOM   369 C  CG   . LYS A 1 23 ? -0.794 -9.618  -2.055  1.00 0.61 ? 23 LYS A CG   1 
ATOM   370 C  CD   . LYS A 1 23 ? 0.584  -10.230 -1.804  1.00 0.26 ? 23 LYS A CD   1 
ATOM   371 C  CE   . LYS A 1 23 ? 0.517  -11.738 -2.053  1.00 0.62 ? 23 LYS A CE   1 
ATOM   372 N  NZ   . LYS A 1 23 ? 1.875  -12.283 -2.335  1.00 1.07 ? 23 LYS A NZ   1 
ATOM   373 H  H    . LYS A 1 23 ? -0.739 -5.570  -1.775  1.00 0.36 ? 23 LYS A H    1 
ATOM   374 H  HA   . LYS A 1 23 ? -0.372 -7.603  -3.774  1.00 0.23 ? 23 LYS A HA   1 
ATOM   375 H  HB2  . LYS A 1 23 ? 0.234  -7.866  -1.365  1.00 0.35 ? 23 LYS A HB2  1 
ATOM   376 H  HB3  . LYS A 1 23 ? -1.478 -7.900  -0.968  1.00 0.69 ? 23 LYS A HB3  1 
ATOM   377 H  HG2  . LYS A 1 23 ? -1.527 -10.103 -1.426  1.00 1.38 ? 23 LYS A HG2  1 
ATOM   378 H  HG3  . LYS A 1 23 ? -1.068 -9.756  -3.089  1.00 1.28 ? 23 LYS A HG3  1 
ATOM   379 H  HD2  . LYS A 1 23 ? 1.308  -9.784  -2.471  1.00 1.04 ? 23 LYS A HD2  1 
ATOM   380 H  HD3  . LYS A 1 23 ? 0.882  -10.044 -0.783  1.00 1.18 ? 23 LYS A HD3  1 
ATOM   381 H  HE2  . LYS A 1 23 ? 0.112  -12.231 -1.181  1.00 1.36 ? 23 LYS A HE2  1 
ATOM   382 H  HE3  . LYS A 1 23 ? -0.125 -11.937 -2.899  1.00 1.26 ? 23 LYS A HE3  1 
ATOM   383 H  HZ1  . LYS A 1 23 ? 2.578  -11.771 -1.765  1.00 1.26 ? 23 LYS A HZ1  1 
ATOM   384 H  HZ2  . LYS A 1 23 ? 1.900  -13.293 -2.090  1.00 1.68 ? 23 LYS A HZ2  1 
ATOM   385 H  HZ3  . LYS A 1 23 ? 2.092  -12.165 -3.345  1.00 1.69 ? 23 LYS A HZ3  1 
ATOM   386 N  N    . SER A 1 24 ? -3.421 -7.391  -2.558  1.00 0.15 ? 24 SER A N    1 
ATOM   387 C  CA   . SER A 1 24 ? -4.840 -7.633  -2.929  1.00 0.13 ? 24 SER A CA   1 
ATOM   388 C  C    . SER A 1 24 ? -5.151 -6.917  -4.245  1.00 0.11 ? 24 SER A C    1 
ATOM   389 O  O    . SER A 1 24 ? -4.322 -6.203  -4.774  1.00 0.09 ? 24 SER A O    1 
ATOM   390 C  CB   . SER A 1 24 ? -5.748 -7.093  -1.826  1.00 0.15 ? 24 SER A CB   1 
ATOM   391 O  OG   . SER A 1 24 ? -7.045 -7.534  -2.197  1.00 0.71 ? 24 SER A OG   1 
ATOM   392 H  H    . SER A 1 24 ? -3.189 -7.080  -1.657  1.00 0.32 ? 24 SER A H    1 
ATOM   393 H  HA   . SER A 1 24 ? -5.007 -8.689  -3.047  1.00 0.12 ? 24 SER A HA   1 
ATOM   394 H  HB2  . SER A 1 24 ? -5.473 -7.507  -0.866  1.00 0.52 ? 24 SER A HB2  1 
ATOM   395 H  HB3  . SER A 1 24 ? -5.714 -6.014  -1.795  1.00 0.38 ? 24 SER A HB3  1 
ATOM   396 H  HG   . SER A 1 24 ? -7.623 -7.430  -1.437  1.00 1.03 ? 24 SER A HG   1 
ATOM   397 N  N    . LYS A 1 25 ? -6.332 -7.120  -4.747  1.00 0.20 ? 25 LYS A N    1 
ATOM   398 C  CA   . LYS A 1 25 ? -6.700 -6.453  -6.026  1.00 0.19 ? 25 LYS A CA   1 
ATOM   399 C  C    . LYS A 1 25 ? -7.030 -4.983  -5.779  1.00 0.13 ? 25 LYS A C    1 
ATOM   400 O  O    . LYS A 1 25 ? -7.829 -4.401  -6.484  1.00 0.22 ? 25 LYS A O    1 
ATOM   401 C  CB   . LYS A 1 25 ? -7.909 -7.160  -6.628  1.00 0.32 ? 25 LYS A CB   1 
ATOM   402 C  CG   . LYS A 1 25 ? -7.446 -8.450  -7.307  1.00 0.35 ? 25 LYS A CG   1 
ATOM   403 C  CD   . LYS A 1 25 ? -8.668 -9.283  -7.679  1.00 1.05 ? 25 LYS A CD   1 
ATOM   404 C  CE   . LYS A 1 25 ? -8.208 -10.609 -8.285  1.00 1.13 ? 25 LYS A CE   1 
ATOM   405 N  NZ   . LYS A 1 25 ? -7.723 -10.403 -9.680  1.00 1.49 ? 25 LYS A NZ   1 
ATOM   406 H  H    . LYS A 1 25 ? -6.970 -7.707  -4.289  1.00 0.29 ? 25 LYS A H    1 
ATOM   407 H  HA   . LYS A 1 25 ? -5.872 -6.516  -6.714  1.00 0.20 ? 25 LYS A HA   1 
ATOM   408 H  HB2  . LYS A 1 25 ? -8.619 -7.394  -5.849  1.00 0.67 ? 25 LYS A HB2  1 
ATOM   409 H  HB3  . LYS A 1 25 ? -8.381 -6.518  -7.357  1.00 0.43 ? 25 LYS A HB3  1 
ATOM   410 H  HG2  . LYS A 1 25 ? -6.885 -8.210  -8.199  1.00 0.64 ? 25 LYS A HG2  1 
ATOM   411 H  HG3  . LYS A 1 25 ? -6.816 -9.009  -6.630  1.00 0.96 ? 25 LYS A HG3  1 
ATOM   412 H  HD2  . LYS A 1 25 ? -9.259 -9.475  -6.794  1.00 1.70 ? 25 LYS A HD2  1 
ATOM   413 H  HD3  . LYS A 1 25 ? -9.269 -8.745  -8.396  1.00 1.60 ? 25 LYS A HD3  1 
ATOM   414 H  HE2  . LYS A 1 25 ? -7.405 -11.020 -7.690  1.00 1.51 ? 25 LYS A HE2  1 
ATOM   415 H  HE3  . LYS A 1 25 ? -9.030 -11.308 -8.297  1.00 1.74 ? 25 LYS A HE3  1 
ATOM   416 H  HZ1  . LYS A 1 25 ? -7.073 -9.593  -9.704  1.00 1.53 ? 25 LYS A HZ1  1 
ATOM   417 H  HZ2  . LYS A 1 25 ? -7.227 -11.257 -10.003 1.00 2.14 ? 25 LYS A HZ2  1 
ATOM   418 H  HZ3  . LYS A 1 25 ? -8.534 -10.216 -10.304 1.00 2.08 ? 25 LYS A HZ3  1 
ATOM   419 N  N    . ALA A 1 26 ? -6.414 -4.414  -4.777  1.00 0.27 ? 26 ALA A N    1 
ATOM   420 C  CA   . ALA A 1 26 ? -6.678 -2.976  -4.490  1.00 0.25 ? 26 ALA A CA   1 
ATOM   421 C  C    . ALA A 1 26 ? -6.603 -2.185  -5.795  1.00 0.23 ? 26 ALA A C    1 
ATOM   422 O  O    . ALA A 1 26 ? -7.582 -2.060  -6.503  1.00 0.23 ? 26 ALA A O    1 
ATOM   423 C  CB   . ALA A 1 26 ? -5.627 -2.456  -3.511  1.00 0.25 ? 26 ALA A CB   1 
ATOM   424 H  H    . ALA A 1 26 ? -5.787 -4.924  -4.224  1.00 0.44 ? 26 ALA A H    1 
ATOM   425 H  HA   . ALA A 1 26 ? -7.659 -2.869  -4.059  1.00 0.32 ? 26 ALA A HA   1 
ATOM   426 H  HB1  . ALA A 1 26 ? -4.644 -2.757  -3.840  1.00 0.87 ? 26 ALA A HB1  1 
ATOM   427 H  HB2  . ALA A 1 26 ? -5.675 -1.378  -3.465  1.00 0.67 ? 26 ALA A HB2  1 
ATOM   428 H  HB3  . ALA A 1 26 ? -5.813 -2.862  -2.528  1.00 0.89 ? 26 ALA A HB3  1 
ATOM   429 N  N    . HIS A 1 27 ? -5.442 -1.663  -6.087  1.00 0.22 ? 27 HIS A N    1 
ATOM   430 C  CA   . HIS A 1 27 ? -5.292 -0.899  -7.356  1.00 0.22 ? 27 HIS A CA   1 
ATOM   431 C  C    . HIS A 1 27 ? -3.847 -0.452  -7.565  1.00 0.24 ? 27 HIS A C    1 
ATOM   432 O  O    . HIS A 1 27 ? -3.527 0.707   -7.386  1.00 0.24 ? 27 HIS A O    1 
ATOM   433 C  CB   . HIS A 1 27 ? -6.198 0.324   -7.338  1.00 0.16 ? 27 HIS A CB   1 
ATOM   434 C  CG   . HIS A 1 27 ? -6.101 1.060   -5.996  1.00 0.10 ? 27 HIS A CG   1 
ATOM   435 N  ND1  . HIS A 1 27 ? -6.844 2.042   -5.677  1.00 0.09 ? 27 HIS A ND1  1 
ATOM   436 C  CD2  . HIS A 1 27 ? -5.241 0.881   -4.895  1.00 0.07 ? 27 HIS A CD2  1 
ATOM   437 C  CE1  . HIS A 1 27 ? -6.551 2.491   -4.526  1.00 0.06 ? 27 HIS A CE1  1 
ATOM   438 N  NE2  . HIS A 1 27 ? -5.568 1.816   -3.985  1.00 0.05 ? 27 HIS A NE2  1 
ATOM   439 H  H    . HIS A 1 27 ? -4.680 -1.777  -5.481  1.00 0.22 ? 27 HIS A H    1 
ATOM   440 H  HA   . HIS A 1 27 ? -5.581 -1.533  -8.178  1.00 0.27 ? 27 HIS A HA   1 
ATOM   441 H  HB2  . HIS A 1 27 ? -5.905 1.000   -8.130  1.00 0.17 ? 27 HIS A HB2  1 
ATOM   442 H  HB3  . HIS A 1 27 ? -7.221 0.021   -7.501  1.00 0.19 ? 27 HIS A HB3  1 
ATOM   443 H  HD1  . HIS A 1 27 ? -7.552 2.406   -6.248  1.00 0.12 ? 27 HIS A HD1  1 
ATOM   444 H  HD2  . HIS A 1 27 ? -4.460 0.144   -4.807  1.00 0.10 ? 27 HIS A HD2  1 
ATOM   445 H  HE1  . HIS A 1 27 ? -7.031 3.338   -4.063  1.00 0.08 ? 27 HIS A HE1  1 
ATOM   446 N  N    . SER A 1 28 ? -2.999 -1.368  -7.940  1.00 0.27 ? 28 SER A N    1 
ATOM   447 C  CA   . SER A 1 28 ? -1.588 -0.977  -8.175  1.00 0.31 ? 28 SER A CA   1 
ATOM   448 C  C    . SER A 1 28 ? -0.830 -2.064  -8.938  1.00 0.48 ? 28 SER A C    1 
ATOM   449 O  O    . SER A 1 28 ? 0.268  -2.434  -8.576  1.00 0.80 ? 28 SER A O    1 
ATOM   450 C  CB   . SER A 1 28 ? -0.929 -0.741  -6.841  1.00 0.38 ? 28 SER A CB   1 
ATOM   451 O  OG   . SER A 1 28 ? -0.557 -2.037  -6.398  1.00 0.72 ? 28 SER A OG   1 
ATOM   452 H  H    . SER A 1 28 ? -3.281 -2.297  -8.039  1.00 0.29 ? 28 SER A H    1 
ATOM   453 H  HA   . SER A 1 28 ? -1.563 -0.064  -8.743  1.00 0.25 ? 28 SER A HA   1 
ATOM   454 H  HB2  . SER A 1 28 ? -0.059 -0.120  -6.955  1.00 0.41 ? 28 SER A HB2  1 
ATOM   455 H  HB3  . SER A 1 28 ? -1.628 -0.295  -6.151  1.00 0.54 ? 28 SER A HB3  1 
ATOM   456 H  HG   . SER A 1 28 ? -1.248 -2.650  -6.660  1.00 0.99 ? 28 SER A HG   1 
ATOM   457 N  N    . LYS A 1 29 ? -1.432 -2.549  -9.982  1.00 0.55 ? 29 LYS A N    1 
ATOM   458 C  CA   . LYS A 1 29 ? -0.752 -3.601  -10.793 1.00 0.70 ? 29 LYS A CA   1 
ATOM   459 C  C    . LYS A 1 29 ? 0.181  -2.939  -11.810 1.00 0.55 ? 29 LYS A C    1 
ATOM   460 O  O    . LYS A 1 29 ? 0.285  -3.374  -12.939 1.00 0.37 ? 29 LYS A O    1 
ATOM   461 C  CB   . LYS A 1 29 ? -1.801 -4.434  -11.535 1.00 0.77 ? 29 LYS A CB   1 
ATOM   462 C  CG   . LYS A 1 29 ? -2.605 -5.271  -10.520 1.00 1.62 ? 29 LYS A CG   1 
ATOM   463 C  CD   . LYS A 1 29 ? -3.359 -6.401  -11.249 1.00 1.73 ? 29 LYS A CD   1 
ATOM   464 C  CE   . LYS A 1 29 ? -4.550 -5.825  -12.031 1.00 1.40 ? 29 LYS A CE   1 
ATOM   465 N  NZ   . LYS A 1 29 ? -4.453 -6.193  -13.471 1.00 1.51 ? 29 LYS A NZ   1 
ATOM   466 H  H    . LYS A 1 29 ? -2.321 -2.228  -10.228 1.00 0.71 ? 29 LYS A H    1 
ATOM   467 H  HA   . LYS A 1 29 ? -0.176 -4.239  -10.146 1.00 0.99 ? 29 LYS A HA   1 
ATOM   468 H  HB2  . LYS A 1 29 ? -2.467 -3.775  -12.072 1.00 0.40 ? 29 LYS A HB2  1 
ATOM   469 H  HB3  . LYS A 1 29 ? -1.308 -5.087  -12.240 1.00 1.13 ? 29 LYS A HB3  1 
ATOM   470 H  HG2  . LYS A 1 29 ? -1.933 -5.703  -9.795  1.00 2.28 ? 29 LYS A HG2  1 
ATOM   471 H  HG3  . LYS A 1 29 ? -3.311 -4.636  -10.003 1.00 1.85 ? 29 LYS A HG3  1 
ATOM   472 H  HD2  . LYS A 1 29 ? -2.691 -6.906  -11.932 1.00 1.86 ? 29 LYS A HD2  1 
ATOM   473 H  HD3  . LYS A 1 29 ? -3.721 -7.115  -10.524 1.00 2.72 ? 29 LYS A HD3  1 
ATOM   474 H  HE2  . LYS A 1 29 ? -5.470 -6.221  -11.629 1.00 2.43 ? 29 LYS A HE2  1 
ATOM   475 H  HE3  . LYS A 1 29 ? -4.565 -4.750  -11.943 1.00 1.45 ? 29 LYS A HE3  1 
ATOM   476 H  HZ1  . LYS A 1 29 ? -3.455 -6.202  -13.762 1.00 1.31 ? 29 LYS A HZ1  1 
ATOM   477 H  HZ2  . LYS A 1 29 ? -4.864 -7.137  -13.615 1.00 2.34 ? 29 LYS A HZ2  1 
ATOM   478 H  HZ3  . LYS A 1 29 ? -4.975 -5.497  -14.042 1.00 1.93 ? 29 LYS A HZ3  1 
ATOM   479 N  N    . LYS A 1 30 ? 0.839  -1.896  -11.382 1.00 1.10 ? 30 LYS A N    1 
ATOM   480 C  CA   . LYS A 1 30 ? 1.766  -1.183  -12.297 1.00 1.25 ? 30 LYS A CA   1 
ATOM   481 C  C    . LYS A 1 30 ? 2.735  -0.309  -11.492 1.00 1.92 ? 30 LYS A C    1 
ATOM   482 O  O    . LYS A 1 30 ? 2.277  0.232   -10.499 1.00 2.18 ? 30 LYS A O    1 
ATOM   483 C  CB   . LYS A 1 30 ? 0.953  -0.298  -13.245 1.00 0.87 ? 30 LYS A CB   1 
ATOM   484 C  CG   . LYS A 1 30 ? 1.066  -0.836  -14.673 1.00 1.26 ? 30 LYS A CG   1 
ATOM   485 C  CD   . LYS A 1 30 ? 0.047  -0.115  -15.555 1.00 1.72 ? 30 LYS A CD   1 
ATOM   486 C  CE   . LYS A 1 30 ? 0.568  -0.069  -16.991 1.00 2.53 ? 30 LYS A CE   1 
ATOM   487 N  NZ   . LYS A 1 30 ? 1.398  1.149   -17.203 1.00 2.96 ? 30 LYS A NZ   1 
ATOM   488 O  OXT  . LYS A 1 30 ? 3.876  -0.233  -11.917 1.00 2.42 ? 30 LYS A OXT  1 
ATOM   489 H  H    . LYS A 1 30 ? 0.729  -1.588  -10.467 1.00 1.50 ? 30 LYS A H    1 
ATOM   490 H  HA   . LYS A 1 30 ? 2.321  -1.899  -12.864 1.00 1.44 ? 30 LYS A HA   1 
ATOM   491 H  HB2  . LYS A 1 30 ? -0.083 -0.298  -12.940 1.00 0.71 ? 30 LYS A HB2  1 
ATOM   492 H  HB3  . LYS A 1 30 ? 1.331  0.712   -13.211 1.00 1.63 ? 30 LYS A HB3  1 
ATOM   493 H  HG2  . LYS A 1 30 ? 2.063  -0.660  -15.048 1.00 2.07 ? 30 LYS A HG2  1 
ATOM   494 H  HG3  . LYS A 1 30 ? 0.865  -1.897  -14.681 1.00 1.41 ? 30 LYS A HG3  1 
ATOM   495 H  HD2  . LYS A 1 30 ? -0.896 -0.643  -15.527 1.00 1.94 ? 30 LYS A HD2  1 
ATOM   496 H  HD3  . LYS A 1 30 ? -0.101 0.891   -15.190 1.00 1.98 ? 30 LYS A HD3  1 
ATOM   497 H  HE2  . LYS A 1 30 ? 1.170  -0.945  -17.187 1.00 2.83 ? 30 LYS A HE2  1 
ATOM   498 H  HE3  . LYS A 1 30 ? -0.264 -0.052  -17.679 1.00 3.08 ? 30 LYS A HE3  1 
ATOM   499 H  HZ1  . LYS A 1 30 ? 1.521  1.648   -16.298 1.00 2.56 ? 30 LYS A HZ1  1 
ATOM   500 H  HZ2  . LYS A 1 30 ? 2.329  0.874   -17.576 1.00 3.43 ? 30 LYS A HZ2  1 
ATOM   501 H  HZ3  . LYS A 1 30 ? 0.925  1.777   -17.884 1.00 3.68 ? 30 LYS A HZ3  1 
HETATM 502 ZN ZN   . ZN  B 2 .  ? -4.773 2.180   -2.169  1.00 0.08 ? 31 ZN  A ZN   1 
# 
